data_8JJN
#
_entry.id   8JJN
#
_cell.length_a   107.825
_cell.length_b   55.792
_cell.length_c   108.076
_cell.angle_alpha   90.00
_cell.angle_beta   90.94
_cell.angle_gamma   90.00
#
_symmetry.space_group_name_H-M   'P 1 21 1'
#
loop_
_entity.id
_entity.type
_entity.pdbx_description
1 polymer 'TIGR04348 family glycosyltransferase'
2 non-polymer "URIDINE-5'-DIPHOSPHATE-GLUCOSE"
3 non-polymer 'PHOSPHATE ION'
4 water water
#
_entity_poly.entity_id   1
_entity_poly.type   'polypeptide(L)'
_entity_poly.pdbx_seq_one_letter_code
;MSNPSLVIVSPALPGANNGNWRTAQRWKALLSPVCSARVVQQWPDADASADTVMLALHARRSAESIAHWAHAHPGRGLGV
VLTGTDLYQDIGSDPQAQRSLQLAQRLVVLQALGAEALPPECRAKARVVYQSTSARAELPKSARQLRAVMVGHLRQVKSP
QTLFDAARLLCGREDIRIDHIGDAGDAGLGELARALASDCPGYRWLGALPHAQTRQRIQRAHVLVHTSALEGGAHVIMEA
VRSGTPVLASRVPGNVGMLGNDYAGYFPHGDAAALAALLEACRAGQGSKDRAAGLLDSLRTQCALRAPLFDPRAEQAALF
QLLNELQP
;
_entity_poly.pdbx_strand_id   C,A,B
#
loop_
_chem_comp.id
_chem_comp.type
_chem_comp.name
_chem_comp.formula
PO4 non-polymer 'PHOSPHATE ION' 'O4 P -3'
UPG non-polymer URIDINE-5'-DIPHOSPHATE-GLUCOSE 'C15 H24 N2 O17 P2'
#
# COMPACT_ATOMS: atom_id res chain seq x y z
N ASN A 3 9.01 -28.14 15.78
CA ASN A 3 8.38 -26.93 16.31
C ASN A 3 7.03 -27.25 16.92
N PRO A 4 6.63 -26.48 17.94
CA PRO A 4 5.32 -26.71 18.55
C PRO A 4 4.17 -26.53 17.57
N SER A 5 3.05 -27.17 17.86
CA SER A 5 1.81 -26.92 17.16
C SER A 5 0.85 -26.32 18.17
N LEU A 6 0.61 -25.03 18.04
CA LEU A 6 -0.16 -24.24 18.99
C LEU A 6 -1.61 -24.16 18.53
N VAL A 7 -2.55 -24.36 19.45
CA VAL A 7 -3.95 -24.07 19.18
C VAL A 7 -4.38 -22.95 20.11
N ILE A 8 -4.98 -21.92 19.54
CA ILE A 8 -5.54 -20.80 20.29
C ILE A 8 -7.05 -20.95 20.26
N VAL A 9 -7.67 -21.01 21.43
CA VAL A 9 -9.12 -21.11 21.55
C VAL A 9 -9.67 -19.72 21.84
N SER A 10 -10.50 -19.20 20.94
CA SER A 10 -11.16 -17.92 21.18
C SER A 10 -12.68 -18.12 21.14
N PRO A 11 -13.41 -17.67 22.15
CA PRO A 11 -14.88 -17.78 22.10
C PRO A 11 -15.51 -16.95 21.00
N ALA A 12 -14.80 -15.95 20.47
CA ALA A 12 -15.40 -15.00 19.53
C ALA A 12 -15.74 -15.69 18.22
N LEU A 13 -16.91 -15.33 17.67
CA LEU A 13 -17.26 -15.78 16.34
C LEU A 13 -16.13 -15.43 15.36
N PRO A 14 -15.78 -16.33 14.45
CA PRO A 14 -14.64 -16.08 13.56
C PRO A 14 -14.86 -14.81 12.73
N GLY A 15 -13.85 -13.96 12.70
CA GLY A 15 -13.93 -12.70 11.99
C GLY A 15 -14.65 -11.59 12.71
N ALA A 16 -15.23 -11.85 13.89
CA ALA A 16 -15.88 -10.81 14.67
C ALA A 16 -14.93 -9.63 14.92
N ASN A 17 -15.49 -8.42 14.90
CA ASN A 17 -14.73 -7.21 15.17
C ASN A 17 -14.81 -6.87 16.66
N ASN A 18 -14.03 -7.61 17.45
CA ASN A 18 -13.95 -7.38 18.90
C ASN A 18 -12.57 -7.82 19.41
N GLY A 19 -12.37 -7.67 20.71
CA GLY A 19 -11.06 -7.95 21.30
C GLY A 19 -10.68 -9.42 21.27
N ASN A 20 -11.61 -10.31 21.60
CA ASN A 20 -11.27 -11.72 21.71
C ASN A 20 -10.78 -12.28 20.39
N TRP A 21 -11.43 -11.91 19.28
CA TRP A 21 -10.98 -12.34 17.97
C TRP A 21 -9.68 -11.65 17.59
N ARG A 22 -9.57 -10.34 17.87
CA ARG A 22 -8.36 -9.60 17.53
C ARG A 22 -7.13 -10.19 18.20
N THR A 23 -7.24 -10.48 19.50
CA THR A 23 -6.12 -11.06 20.25
C THR A 23 -5.68 -12.39 19.63
N ALA A 24 -6.64 -13.30 19.39
CA ALA A 24 -6.30 -14.62 18.87
C ALA A 24 -5.61 -14.53 17.52
N GLN A 25 -6.11 -13.68 16.61
CA GLN A 25 -5.51 -13.59 15.29
C GLN A 25 -4.12 -12.91 15.35
N ARG A 26 -3.97 -11.91 16.21
CA ARG A 26 -2.67 -11.25 16.35
C ARG A 26 -1.63 -12.20 16.93
N TRP A 27 -1.99 -12.93 17.99
CA TRP A 27 -1.09 -13.92 18.58
C TRP A 27 -0.70 -14.99 17.57
N LYS A 28 -1.67 -15.47 16.79
CA LYS A 28 -1.36 -16.40 15.70
C LYS A 28 -0.29 -15.84 14.78
N ALA A 29 -0.45 -14.57 14.37
CA ALA A 29 0.50 -13.95 13.46
C ALA A 29 1.87 -13.77 14.11
N LEU A 30 1.90 -13.42 15.40
CA LEU A 30 3.18 -13.14 16.06
C LEU A 30 3.95 -14.42 16.34
N LEU A 31 3.25 -15.54 16.55
CA LEU A 31 3.86 -16.81 16.92
C LEU A 31 4.19 -17.69 15.72
N SER A 32 3.61 -17.41 14.55
CA SER A 32 3.79 -18.16 13.32
C SER A 32 5.25 -18.40 12.90
N PRO A 33 6.22 -17.50 13.19
CA PRO A 33 7.60 -17.81 12.79
C PRO A 33 8.25 -18.90 13.61
N VAL A 34 7.72 -19.25 14.77
CA VAL A 34 8.34 -20.25 15.64
C VAL A 34 7.43 -21.44 15.90
N CYS A 35 6.25 -21.51 15.29
CA CYS A 35 5.38 -22.65 15.50
C CYS A 35 4.31 -22.64 14.42
N SER A 36 3.63 -23.78 14.32
CA SER A 36 2.42 -23.87 13.53
C SER A 36 1.27 -23.52 14.46
N ALA A 37 0.56 -22.43 14.15
CA ALA A 37 -0.48 -21.91 15.02
C ALA A 37 -1.83 -21.87 14.30
N ARG A 38 -2.89 -22.17 15.03
CA ARG A 38 -4.24 -22.10 14.48
C ARG A 38 -5.19 -21.63 15.56
N VAL A 39 -6.29 -21.05 15.13
CA VAL A 39 -7.32 -20.52 16.01
C VAL A 39 -8.60 -21.33 15.78
N VAL A 40 -9.24 -21.72 16.88
CA VAL A 40 -10.48 -22.49 16.86
C VAL A 40 -11.42 -21.85 17.87
N GLN A 41 -12.70 -22.17 17.74
CA GLN A 41 -13.63 -21.73 18.76
C GLN A 41 -13.83 -22.78 19.85
N GLN A 42 -13.52 -24.03 19.57
CA GLN A 42 -13.63 -25.08 20.59
C GLN A 42 -12.65 -26.18 20.23
N TRP A 43 -12.29 -26.98 21.23
CA TRP A 43 -11.27 -28.01 21.12
C TRP A 43 -11.77 -29.18 21.97
N PRO A 44 -11.63 -30.43 21.49
CA PRO A 44 -10.91 -30.84 20.27
C PRO A 44 -11.76 -30.77 18.99
N ASP A 45 -11.06 -30.93 17.87
CA ASP A 45 -11.64 -31.02 16.53
C ASP A 45 -10.85 -32.10 15.80
N ALA A 46 -11.04 -32.20 14.48
CA ALA A 46 -10.41 -33.27 13.72
C ALA A 46 -8.89 -33.21 13.80
N ASP A 47 -8.33 -32.03 14.02
CA ASP A 47 -6.88 -31.82 13.96
C ASP A 47 -6.22 -31.80 15.34
N ALA A 48 -6.98 -32.10 16.39
CA ALA A 48 -6.50 -31.91 17.76
C ALA A 48 -5.30 -32.77 18.12
N SER A 49 -5.16 -33.96 17.50
CA SER A 49 -4.10 -34.88 17.92
C SER A 49 -2.72 -34.30 17.72
N ALA A 50 -2.53 -33.42 16.74
CA ALA A 50 -1.21 -32.83 16.51
C ALA A 50 -0.91 -31.62 17.40
N ASP A 51 -1.90 -31.05 18.09
CA ASP A 51 -1.63 -29.90 18.94
C ASP A 51 -0.76 -30.28 20.13
N THR A 52 0.18 -29.40 20.50
CA THR A 52 1.04 -29.63 21.66
C THR A 52 0.98 -28.52 22.71
N VAL A 53 0.44 -27.35 22.39
CA VAL A 53 0.25 -26.27 23.35
C VAL A 53 -1.11 -25.65 23.08
N MET A 54 -1.85 -25.31 24.14
CA MET A 54 -3.08 -24.56 23.96
C MET A 54 -3.01 -23.25 24.73
N LEU A 55 -3.46 -22.18 24.08
CA LEU A 55 -3.70 -20.89 24.73
C LEU A 55 -5.17 -20.58 24.57
N ALA A 56 -5.88 -20.52 25.69
CA ALA A 56 -7.34 -20.43 25.66
C ALA A 56 -7.77 -19.11 26.29
N LEU A 57 -8.57 -18.36 25.54
CA LEU A 57 -9.07 -17.06 25.96
C LEU A 57 -10.36 -17.19 26.76
N HIS A 58 -10.37 -16.61 27.96
CA HIS A 58 -11.50 -16.47 28.89
C HIS A 58 -11.75 -17.73 29.69
N ALA A 59 -11.43 -17.65 31.00
CA ALA A 59 -11.48 -18.82 31.87
C ALA A 59 -12.86 -19.44 31.93
N ARG A 60 -13.92 -18.65 31.72
CA ARG A 60 -15.27 -19.22 31.74
C ARG A 60 -15.75 -19.62 30.34
N ARG A 61 -15.67 -18.70 29.37
CA ARG A 61 -16.26 -18.99 28.06
C ARG A 61 -15.59 -20.18 27.38
N SER A 62 -14.28 -20.37 27.61
CA SER A 62 -13.55 -21.47 27.02
C SER A 62 -13.37 -22.64 27.99
N ALA A 63 -14.08 -22.63 29.13
CA ALA A 63 -13.81 -23.59 30.20
C ALA A 63 -13.94 -25.04 29.72
N GLU A 64 -14.82 -25.31 28.76
CA GLU A 64 -15.01 -26.68 28.28
C GLU A 64 -13.82 -27.15 27.46
N SER A 65 -13.35 -26.32 26.53
CA SER A 65 -12.13 -26.68 25.80
C SER A 65 -10.92 -26.78 26.74
N ILE A 66 -10.87 -25.90 27.75
CA ILE A 66 -9.76 -25.92 28.70
C ILE A 66 -9.75 -27.24 29.46
N ALA A 67 -10.94 -27.68 29.89
CA ALA A 67 -11.09 -28.96 30.57
C ALA A 67 -10.68 -30.12 29.67
N HIS A 68 -11.14 -30.11 28.42
CA HIS A 68 -10.77 -31.17 27.47
C HIS A 68 -9.26 -31.26 27.34
N TRP A 69 -8.59 -30.11 27.23
CA TRP A 69 -7.13 -30.14 27.10
C TRP A 69 -6.47 -30.65 28.38
N ALA A 70 -6.88 -30.12 29.52
CA ALA A 70 -6.32 -30.53 30.80
C ALA A 70 -6.50 -32.02 31.04
N HIS A 71 -7.65 -32.57 30.63
CA HIS A 71 -7.86 -33.99 30.82
C HIS A 71 -7.06 -34.80 29.80
N ALA A 72 -6.83 -34.26 28.62
CA ALA A 72 -6.03 -34.99 27.64
C ALA A 72 -4.53 -34.83 27.92
N HIS A 73 -4.12 -33.73 28.57
CA HIS A 73 -2.70 -33.43 28.77
C HIS A 73 -2.48 -32.91 30.18
N PRO A 74 -2.72 -33.73 31.20
CA PRO A 74 -2.70 -33.22 32.58
C PRO A 74 -1.30 -32.73 32.94
N GLY A 75 -1.23 -31.53 33.50
CA GLY A 75 0.03 -30.96 33.89
C GLY A 75 0.87 -30.36 32.78
N ARG A 76 0.41 -30.38 31.52
CA ARG A 76 1.26 -29.96 30.41
C ARG A 76 0.51 -29.10 29.39
N GLY A 77 1.16 -28.01 28.95
CA GLY A 77 0.85 -27.32 27.71
C GLY A 77 -0.28 -26.30 27.74
N LEU A 78 -0.87 -25.99 28.90
CA LEU A 78 -2.09 -25.20 28.95
C LEU A 78 -1.85 -23.80 29.51
N GLY A 79 -2.08 -22.78 28.68
CA GLY A 79 -2.17 -21.40 29.14
C GLY A 79 -3.59 -20.89 28.98
N VAL A 80 -4.09 -20.26 30.04
CA VAL A 80 -5.44 -19.69 30.08
C VAL A 80 -5.29 -18.18 30.16
N VAL A 81 -5.89 -17.47 29.21
CA VAL A 81 -5.76 -16.02 29.09
C VAL A 81 -6.96 -15.37 29.74
N LEU A 82 -6.71 -14.51 30.73
CA LEU A 82 -7.78 -13.83 31.47
C LEU A 82 -8.09 -12.53 30.74
N THR A 83 -9.19 -12.53 30.00
CA THR A 83 -9.52 -11.44 29.09
C THR A 83 -10.28 -10.28 29.75
N GLY A 84 -10.84 -10.48 30.93
CA GLY A 84 -11.52 -9.37 31.60
C GLY A 84 -12.62 -9.77 32.55
N THR A 85 -13.78 -10.16 32.01
CA THR A 85 -14.92 -10.50 32.87
C THR A 85 -14.69 -11.79 33.65
N ASP A 86 -13.81 -12.67 33.16
CA ASP A 86 -13.40 -13.81 34.00
C ASP A 86 -12.62 -13.33 35.21
N LEU A 87 -11.55 -12.55 34.99
CA LEU A 87 -10.68 -12.10 36.08
C LEU A 87 -11.42 -11.19 37.06
N TYR A 88 -12.24 -10.26 36.56
CA TYR A 88 -12.82 -9.23 37.41
C TYR A 88 -14.27 -9.50 37.78
N GLN A 89 -14.83 -10.63 37.37
CA GLN A 89 -16.17 -11.03 37.77
C GLN A 89 -16.22 -12.52 38.06
N ASP A 90 -16.05 -13.34 37.02
CA ASP A 90 -16.46 -14.74 37.07
C ASP A 90 -15.69 -15.54 38.11
N ILE A 91 -14.38 -15.32 38.23
CA ILE A 91 -13.60 -16.20 39.10
C ILE A 91 -13.95 -16.01 40.58
N GLY A 92 -14.73 -14.98 40.93
CA GLY A 92 -15.21 -14.87 42.29
C GLY A 92 -16.05 -16.08 42.71
N SER A 93 -17.04 -16.45 41.88
CA SER A 93 -17.98 -17.50 42.27
C SER A 93 -18.40 -18.44 41.14
N ASP A 94 -17.75 -18.39 39.98
CA ASP A 94 -18.11 -19.31 38.90
C ASP A 94 -17.22 -20.55 38.97
N PRO A 95 -17.78 -21.73 39.23
CA PRO A 95 -16.93 -22.93 39.39
C PRO A 95 -16.17 -23.27 38.14
N GLN A 96 -16.73 -22.99 36.97
CA GLN A 96 -16.05 -23.28 35.72
C GLN A 96 -14.81 -22.40 35.58
N ALA A 97 -14.95 -21.10 35.82
CA ALA A 97 -13.79 -20.23 35.77
C ALA A 97 -12.76 -20.64 36.82
N GLN A 98 -13.22 -21.00 38.03
CA GLN A 98 -12.27 -21.42 39.07
C GLN A 98 -11.51 -22.67 38.64
N ARG A 99 -12.20 -23.62 38.00
CA ARG A 99 -11.53 -24.85 37.56
C ARG A 99 -10.46 -24.56 36.50
N SER A 100 -10.75 -23.65 35.57
CA SER A 100 -9.76 -23.29 34.56
C SER A 100 -8.49 -22.72 35.21
N LEU A 101 -8.64 -21.93 36.28
CA LEU A 101 -7.46 -21.37 36.96
C LEU A 101 -6.60 -22.48 37.54
N GLN A 102 -7.23 -23.46 38.19
CA GLN A 102 -6.50 -24.59 38.78
C GLN A 102 -5.81 -25.44 37.72
N LEU A 103 -6.49 -25.72 36.60
CA LEU A 103 -5.95 -26.65 35.59
C LEU A 103 -4.78 -26.05 34.80
N ALA A 104 -4.72 -24.73 34.67
CA ALA A 104 -3.75 -24.10 33.79
C ALA A 104 -2.32 -24.30 34.29
N GLN A 105 -1.39 -24.46 33.33
CA GLN A 105 0.03 -24.41 33.64
C GLN A 105 0.50 -22.96 33.78
N ARG A 106 -0.05 -22.05 32.98
CA ARG A 106 0.24 -20.62 33.07
C ARG A 106 -1.06 -19.86 32.93
N LEU A 107 -1.14 -18.73 33.63
CA LEU A 107 -2.27 -17.80 33.53
C LEU A 107 -1.76 -16.48 32.97
N VAL A 108 -2.34 -16.04 31.88
CA VAL A 108 -1.89 -14.81 31.22
C VAL A 108 -2.85 -13.70 31.60
N VAL A 109 -2.31 -12.60 32.13
CA VAL A 109 -3.06 -11.37 32.33
C VAL A 109 -2.48 -10.33 31.38
N LEU A 110 -3.32 -9.38 31.00
CA LEU A 110 -3.01 -8.47 29.89
C LEU A 110 -2.51 -7.12 30.37
N GLN A 111 -2.31 -6.93 31.67
CA GLN A 111 -1.56 -5.78 32.17
C GLN A 111 -1.03 -6.12 33.56
N ALA A 112 -0.16 -5.25 34.08
CA ALA A 112 0.64 -5.55 35.26
C ALA A 112 -0.20 -5.81 36.50
N LEU A 113 -1.37 -5.18 36.61
CA LEU A 113 -2.19 -5.31 37.81
C LEU A 113 -3.01 -6.58 37.86
N GLY A 114 -3.10 -7.32 36.74
CA GLY A 114 -4.04 -8.45 36.68
C GLY A 114 -3.83 -9.49 37.76
N ALA A 115 -2.57 -9.76 38.14
CA ALA A 115 -2.33 -10.84 39.10
C ALA A 115 -2.84 -10.50 40.50
N GLU A 116 -3.01 -9.22 40.81
CA GLU A 116 -3.64 -8.82 42.06
C GLU A 116 -5.08 -9.34 42.19
N ALA A 117 -5.76 -9.62 41.07
CA ALA A 117 -7.14 -10.09 41.17
C ALA A 117 -7.23 -11.59 41.27
N LEU A 118 -6.11 -12.31 41.08
CA LEU A 118 -6.03 -13.76 41.22
C LEU A 118 -5.89 -14.15 42.69
N PRO A 119 -6.41 -15.32 43.08
CA PRO A 119 -6.05 -15.86 44.39
C PRO A 119 -4.55 -16.01 44.52
N PRO A 120 -3.99 -15.76 45.70
CA PRO A 120 -2.52 -15.80 45.82
C PRO A 120 -1.90 -17.12 45.42
N GLU A 121 -2.63 -18.24 45.54
CA GLU A 121 -2.05 -19.51 45.13
C GLU A 121 -1.97 -19.67 43.61
N CYS A 122 -2.54 -18.75 42.83
CA CYS A 122 -2.41 -18.76 41.38
C CYS A 122 -1.36 -17.76 40.86
N ARG A 123 -0.71 -17.00 41.73
CA ARG A 123 0.12 -15.91 41.22
C ARG A 123 1.47 -16.40 40.73
N ALA A 124 1.98 -17.54 41.24
CA ALA A 124 3.30 -17.98 40.78
C ALA A 124 3.28 -18.40 39.32
N LYS A 125 2.15 -18.88 38.80
CA LYS A 125 2.09 -19.26 37.41
C LYS A 125 1.49 -18.17 36.53
N ALA A 126 1.27 -16.99 37.08
CA ALA A 126 0.73 -15.88 36.29
C ALA A 126 1.84 -15.18 35.52
N ARG A 127 1.52 -14.82 34.26
CA ARG A 127 2.45 -14.19 33.33
C ARG A 127 1.76 -12.99 32.69
N VAL A 128 2.42 -11.83 32.70
CA VAL A 128 1.85 -10.63 32.09
C VAL A 128 2.24 -10.57 30.62
N VAL A 129 1.26 -10.34 29.75
CA VAL A 129 1.52 -10.09 28.34
C VAL A 129 0.74 -8.84 27.95
N TYR A 130 1.40 -7.68 27.95
CA TYR A 130 0.78 -6.49 27.38
C TYR A 130 0.46 -6.72 25.91
N GLN A 131 -0.72 -6.28 25.48
CA GLN A 131 -1.09 -6.45 24.08
C GLN A 131 -0.37 -5.39 23.24
N SER A 132 -0.57 -5.44 21.92
CA SER A 132 0.15 -4.55 21.02
C SER A 132 -0.74 -4.19 19.85
N THR A 133 -0.35 -3.12 19.15
CA THR A 133 -1.08 -2.67 17.98
C THR A 133 -0.11 -1.86 17.14
N SER A 134 -0.42 -1.75 15.85
CA SER A 134 0.43 -0.92 14.99
C SER A 134 0.24 0.55 15.35
N ALA A 135 1.32 1.32 15.23
CA ALA A 135 1.25 2.75 15.49
C ALA A 135 0.62 3.50 14.31
N ARG A 136 0.08 4.68 14.61
CA ARG A 136 -0.34 5.67 13.62
C ARG A 136 0.35 6.99 13.94
N ALA A 137 0.71 7.74 12.89
CA ALA A 137 1.31 9.04 13.09
C ALA A 137 0.39 9.93 13.92
N GLU A 138 0.97 10.60 14.92
CA GLU A 138 0.17 11.57 15.67
C GLU A 138 -0.17 12.76 14.77
N LEU A 139 -1.45 13.09 14.67
CA LEU A 139 -1.90 14.18 13.79
C LEU A 139 -1.94 15.49 14.55
N PRO A 140 -1.45 16.60 13.97
CA PRO A 140 -1.78 17.93 14.53
C PRO A 140 -3.29 18.13 14.47
N LYS A 141 -3.82 18.88 15.43
CA LYS A 141 -5.27 18.97 15.56
C LYS A 141 -5.68 20.41 15.84
N SER A 142 -6.91 20.73 15.47
CA SER A 142 -7.39 22.11 15.55
C SER A 142 -7.86 22.42 16.97
N ALA A 143 -7.81 23.70 17.33
CA ALA A 143 -8.22 24.13 18.66
C ALA A 143 -9.63 24.69 18.70
N ARG A 144 -10.38 24.59 17.59
CA ARG A 144 -11.68 25.23 17.48
C ARG A 144 -12.77 24.48 18.23
N GLN A 145 -12.57 23.19 18.46
CA GLN A 145 -13.58 22.31 19.02
C GLN A 145 -12.84 21.16 19.69
N LEU A 146 -13.45 20.58 20.72
CA LEU A 146 -12.89 19.39 21.34
C LEU A 146 -13.68 18.20 20.83
N ARG A 147 -13.01 17.27 20.14
CA ARG A 147 -13.69 16.10 19.61
C ARG A 147 -13.21 14.89 20.42
N ALA A 148 -14.12 14.30 21.18
CA ALA A 148 -13.86 13.09 21.96
C ALA A 148 -14.51 11.90 21.27
N VAL A 149 -13.93 10.71 21.49
CA VAL A 149 -14.53 9.48 20.98
C VAL A 149 -14.47 8.41 22.07
N MET A 150 -15.47 7.54 22.09
CA MET A 150 -15.42 6.33 22.90
C MET A 150 -15.83 5.16 22.03
N VAL A 151 -15.14 4.03 22.21
CA VAL A 151 -15.27 2.87 21.33
C VAL A 151 -15.55 1.64 22.21
N GLY A 152 -16.70 1.03 22.01
CA GLY A 152 -17.01 -0.19 22.72
C GLY A 152 -18.40 -0.64 22.37
N HIS A 153 -18.54 -1.86 21.87
CA HIS A 153 -19.87 -2.42 21.69
C HIS A 153 -20.59 -2.33 23.01
N LEU A 154 -21.82 -1.82 22.96
CA LEU A 154 -22.53 -1.45 24.18
C LEU A 154 -22.91 -2.69 24.98
N ARG A 155 -22.30 -2.86 26.15
CA ARG A 155 -22.74 -3.79 27.15
C ARG A 155 -22.53 -3.13 28.51
N GLN A 156 -23.14 -3.70 29.54
CA GLN A 156 -23.13 -3.03 30.85
C GLN A 156 -21.72 -2.86 31.39
N VAL A 157 -20.83 -3.84 31.16
CA VAL A 157 -19.48 -3.75 31.71
C VAL A 157 -18.70 -2.59 31.14
N LYS A 158 -19.08 -2.08 29.96
CA LYS A 158 -18.46 -0.88 29.42
C LYS A 158 -18.97 0.41 30.08
N SER A 159 -19.95 0.32 31.00
CA SER A 159 -20.61 1.46 31.65
C SER A 159 -20.86 2.63 30.71
N PRO A 160 -21.53 2.42 29.57
CA PRO A 160 -21.77 3.54 28.65
C PRO A 160 -22.62 4.65 29.25
N GLN A 161 -23.39 4.35 30.32
CA GLN A 161 -24.22 5.38 30.95
C GLN A 161 -23.39 6.50 31.53
N THR A 162 -22.15 6.22 31.96
CA THR A 162 -21.30 7.32 32.40
C THR A 162 -21.07 8.31 31.27
N LEU A 163 -20.84 7.80 30.06
CA LEU A 163 -20.66 8.68 28.91
C LEU A 163 -21.95 9.38 28.53
N PHE A 164 -23.08 8.65 28.52
CA PHE A 164 -24.39 9.26 28.27
C PHE A 164 -24.64 10.43 29.21
N ASP A 165 -24.39 10.22 30.50
CA ASP A 165 -24.67 11.24 31.52
C ASP A 165 -23.71 12.42 31.41
N ALA A 166 -22.45 12.17 31.09
CA ALA A 166 -21.54 13.30 30.95
C ALA A 166 -21.87 14.10 29.69
N ALA A 167 -22.24 13.42 28.60
CA ALA A 167 -22.65 14.14 27.39
C ALA A 167 -23.91 14.97 27.66
N ARG A 168 -24.86 14.42 28.43
CA ARG A 168 -26.04 15.19 28.82
C ARG A 168 -25.66 16.45 29.59
N LEU A 169 -24.75 16.32 30.56
CA LEU A 169 -24.28 17.49 31.29
C LEU A 169 -23.71 18.56 30.35
N LEU A 170 -23.14 18.13 29.22
CA LEU A 170 -22.55 19.05 28.25
C LEU A 170 -23.48 19.34 27.07
N CYS A 171 -24.76 18.98 27.19
CA CYS A 171 -25.70 19.06 26.08
C CYS A 171 -25.72 20.43 25.41
N GLY A 172 -25.51 21.50 26.18
CA GLY A 172 -25.55 22.82 25.57
C GLY A 172 -24.27 23.27 24.90
N ARG A 173 -23.18 22.52 25.03
CA ARG A 173 -21.85 22.98 24.60
C ARG A 173 -21.64 22.67 23.12
N GLU A 174 -21.68 23.70 22.28
CA GLU A 174 -21.39 23.54 20.86
C GLU A 174 -19.91 23.26 20.61
N ASP A 175 -19.02 23.63 21.51
CA ASP A 175 -17.59 23.51 21.28
C ASP A 175 -17.04 22.16 21.73
N ILE A 176 -17.89 21.21 22.12
CA ILE A 176 -17.45 19.88 22.51
C ILE A 176 -18.31 18.87 21.77
N ARG A 177 -17.66 17.90 21.13
CA ARG A 177 -18.33 16.82 20.41
C ARG A 177 -17.90 15.47 20.99
N ILE A 178 -18.86 14.55 21.07
CA ILE A 178 -18.60 13.20 21.57
C ILE A 178 -19.14 12.21 20.53
N ASP A 179 -18.25 11.48 19.89
CA ASP A 179 -18.63 10.39 18.99
C ASP A 179 -18.53 9.07 19.75
N HIS A 180 -19.52 8.21 19.58
CA HIS A 180 -19.62 6.95 20.31
C HIS A 180 -19.73 5.82 19.28
N ILE A 181 -18.71 4.95 19.24
CA ILE A 181 -18.63 3.86 18.26
C ILE A 181 -18.91 2.55 18.97
N GLY A 182 -19.86 1.77 18.45
CA GLY A 182 -20.15 0.45 18.98
C GLY A 182 -21.52 -0.10 18.64
N ASP A 183 -21.62 -1.41 18.47
CA ASP A 183 -22.91 -2.04 18.22
C ASP A 183 -23.86 -1.85 19.40
N ALA A 184 -25.14 -2.06 19.13
CA ALA A 184 -26.18 -1.81 20.13
C ALA A 184 -26.07 -2.77 21.33
N GLY A 185 -25.90 -4.06 21.08
CA GLY A 185 -25.53 -4.98 22.15
C GLY A 185 -26.59 -5.17 23.24
N ASP A 186 -26.20 -4.88 24.49
CA ASP A 186 -27.06 -5.13 25.65
C ASP A 186 -28.34 -4.30 25.54
N ALA A 187 -29.48 -4.95 25.81
CA ALA A 187 -30.78 -4.37 25.52
C ALA A 187 -31.02 -3.07 26.29
N GLY A 188 -31.59 -2.09 25.60
CA GLY A 188 -31.91 -0.81 26.17
C GLY A 188 -30.82 0.24 26.05
N LEU A 189 -29.55 -0.17 26.03
CA LEU A 189 -28.47 0.82 25.97
C LEU A 189 -28.49 1.56 24.63
N GLY A 190 -28.76 0.84 23.54
CA GLY A 190 -28.88 1.48 22.24
C GLY A 190 -29.99 2.51 22.19
N GLU A 191 -31.09 2.24 22.89
CA GLU A 191 -32.18 3.20 22.96
C GLU A 191 -31.76 4.45 23.71
N LEU A 192 -30.97 4.27 24.77
CA LEU A 192 -30.45 5.42 25.51
C LEU A 192 -29.56 6.27 24.61
N ALA A 193 -28.70 5.63 23.81
CA ALA A 193 -27.80 6.38 22.95
C ALA A 193 -28.57 7.16 21.89
N ARG A 194 -29.57 6.51 21.30
CA ARG A 194 -30.36 7.13 20.25
C ARG A 194 -31.13 8.34 20.77
N ALA A 195 -31.80 8.20 21.92
CA ALA A 195 -32.50 9.33 22.51
C ALA A 195 -31.56 10.48 22.83
N LEU A 196 -30.36 10.16 23.31
CA LEU A 196 -29.39 11.20 23.66
C LEU A 196 -28.88 11.91 22.40
N ALA A 197 -28.60 11.16 21.34
CA ALA A 197 -28.17 11.79 20.09
C ALA A 197 -29.28 12.66 19.47
N SER A 198 -30.53 12.26 19.64
CA SER A 198 -31.64 13.10 19.17
C SER A 198 -31.72 14.41 19.95
N ASP A 199 -31.46 14.36 21.27
CA ASP A 199 -31.57 15.55 22.12
C ASP A 199 -30.34 16.43 22.07
N CYS A 200 -29.16 15.82 21.97
CA CYS A 200 -27.91 16.57 22.17
C CYS A 200 -27.05 16.40 20.93
N PRO A 201 -27.06 17.39 20.03
CA PRO A 201 -26.39 17.23 18.72
C PRO A 201 -24.90 17.02 18.81
N GLY A 202 -24.27 17.45 19.90
CA GLY A 202 -22.85 17.22 20.08
C GLY A 202 -22.49 15.77 20.33
N TYR A 203 -23.46 14.93 20.73
CA TYR A 203 -23.24 13.51 20.93
C TYR A 203 -23.78 12.73 19.73
N ARG A 204 -22.94 11.90 19.13
CA ARG A 204 -23.37 11.08 17.99
C ARG A 204 -23.06 9.63 18.31
N TRP A 205 -24.07 8.76 18.23
CA TRP A 205 -23.82 7.32 18.32
C TRP A 205 -23.69 6.79 16.89
N LEU A 206 -22.48 6.39 16.52
CA LEU A 206 -22.19 6.03 15.14
C LEU A 206 -22.50 4.57 14.82
N GLY A 207 -22.94 3.80 15.81
CA GLY A 207 -23.12 2.39 15.62
C GLY A 207 -21.77 1.71 15.50
N ALA A 208 -21.84 0.43 15.11
CA ALA A 208 -20.64 -0.36 14.90
C ALA A 208 -19.96 0.06 13.60
N LEU A 209 -18.64 0.21 13.64
CA LEU A 209 -17.89 0.60 12.46
C LEU A 209 -16.81 -0.43 12.18
N PRO A 210 -16.45 -0.63 10.90
CA PRO A 210 -15.27 -1.48 10.60
C PRO A 210 -14.04 -0.98 11.37
N HIS A 211 -13.16 -1.93 11.71
CA HIS A 211 -11.96 -1.60 12.51
C HIS A 211 -11.09 -0.53 11.83
N ALA A 212 -10.92 -0.60 10.50
CA ALA A 212 -10.09 0.41 9.82
C ALA A 212 -10.61 1.81 10.07
N GLN A 213 -11.92 2.01 9.91
CA GLN A 213 -12.50 3.33 10.13
C GLN A 213 -12.45 3.73 11.60
N THR A 214 -12.60 2.77 12.50
CA THR A 214 -12.49 3.06 13.93
C THR A 214 -11.09 3.55 14.30
N ARG A 215 -10.04 2.89 13.79
CA ARG A 215 -8.68 3.38 14.07
C ARG A 215 -8.47 4.79 13.53
N GLN A 216 -9.04 5.09 12.37
CA GLN A 216 -8.89 6.44 11.83
C GLN A 216 -9.60 7.47 12.70
N ARG A 217 -10.78 7.12 13.24
CA ARG A 217 -11.51 8.09 14.04
C ARG A 217 -10.84 8.30 15.39
N ILE A 218 -10.25 7.25 15.97
CA ILE A 218 -9.49 7.40 17.20
C ILE A 218 -8.28 8.31 16.96
N GLN A 219 -7.59 8.10 15.84
CA GLN A 219 -6.45 8.93 15.47
C GLN A 219 -6.84 10.39 15.30
N ARG A 220 -8.03 10.67 14.75
CA ARG A 220 -8.48 12.04 14.52
C ARG A 220 -8.96 12.73 15.80
N ALA A 221 -9.54 11.98 16.73
CA ALA A 221 -10.09 12.59 17.95
C ALA A 221 -9.01 13.27 18.78
N HIS A 222 -9.42 14.32 19.51
CA HIS A 222 -8.50 14.93 20.47
C HIS A 222 -8.26 14.03 21.68
N VAL A 223 -9.23 13.17 22.01
CA VAL A 223 -9.17 12.43 23.26
C VAL A 223 -10.11 11.24 23.16
N LEU A 224 -9.68 10.11 23.71
CA LEU A 224 -10.52 8.93 23.80
C LEU A 224 -11.01 8.79 25.25
N VAL A 225 -12.31 8.56 25.42
CA VAL A 225 -12.93 8.32 26.72
C VAL A 225 -13.23 6.83 26.85
N HIS A 226 -12.93 6.25 28.02
CA HIS A 226 -13.23 4.85 28.28
C HIS A 226 -13.74 4.71 29.71
N THR A 227 -14.98 4.26 29.86
CA THR A 227 -15.71 4.36 31.12
C THR A 227 -15.87 3.02 31.84
N SER A 228 -15.27 1.95 31.32
CA SER A 228 -15.64 0.58 31.71
C SER A 228 -15.54 0.34 33.21
N ALA A 229 -16.47 -0.48 33.72
CA ALA A 229 -16.38 -0.99 35.08
C ALA A 229 -15.19 -1.92 35.23
N LEU A 230 -14.83 -2.64 34.18
CA LEU A 230 -13.69 -3.55 34.22
C LEU A 230 -13.14 -3.74 32.81
N GLU A 231 -11.83 -4.01 32.75
CA GLU A 231 -11.17 -4.36 31.51
C GLU A 231 -10.08 -5.39 31.79
N GLY A 232 -9.89 -6.33 30.86
CA GLY A 232 -8.66 -7.10 30.89
C GLY A 232 -7.44 -6.25 30.56
N GLY A 233 -7.60 -5.31 29.64
CA GLY A 233 -6.54 -4.52 29.04
C GLY A 233 -6.98 -4.05 27.67
N ALA A 234 -7.70 -2.91 27.61
CA ALA A 234 -8.52 -2.59 26.45
C ALA A 234 -7.71 -2.26 25.20
N HIS A 235 -8.07 -2.91 24.09
CA HIS A 235 -7.47 -2.60 22.79
C HIS A 235 -7.61 -1.12 22.44
N VAL A 236 -8.78 -0.53 22.72
CA VAL A 236 -9.03 0.84 22.24
C VAL A 236 -8.12 1.82 22.97
N ILE A 237 -7.76 1.56 24.23
CA ILE A 237 -6.83 2.44 24.92
C ILE A 237 -5.44 2.38 24.28
N MET A 238 -4.94 1.16 24.04
CA MET A 238 -3.75 0.89 23.22
C MET A 238 -3.76 1.69 21.93
N GLU A 239 -4.85 1.57 21.19
CA GLU A 239 -4.97 2.15 19.86
C GLU A 239 -4.90 3.67 19.93
N ALA A 240 -5.53 4.27 20.95
CA ALA A 240 -5.43 5.71 21.12
C ALA A 240 -3.98 6.11 21.43
N VAL A 241 -3.40 5.50 22.47
CA VAL A 241 -2.03 5.81 22.87
C VAL A 241 -1.08 5.66 21.70
N ARG A 242 -1.21 4.59 20.93
CA ARG A 242 -0.31 4.38 19.81
C ARG A 242 -0.68 5.21 18.58
N SER A 243 -1.69 6.07 18.67
CA SER A 243 -1.97 7.08 17.65
C SER A 243 -1.64 8.50 18.10
N GLY A 244 -1.07 8.67 19.29
CA GLY A 244 -0.86 9.99 19.83
C GLY A 244 -2.10 10.67 20.35
N THR A 245 -3.18 9.92 20.60
CA THR A 245 -4.42 10.46 21.15
C THR A 245 -4.49 10.16 22.64
N PRO A 246 -4.59 11.16 23.51
CA PRO A 246 -4.61 10.89 24.94
C PRO A 246 -5.97 10.36 25.37
N VAL A 247 -6.03 9.91 26.63
CA VAL A 247 -7.17 9.11 27.10
C VAL A 247 -7.71 9.72 28.39
N LEU A 248 -9.03 9.67 28.55
CA LEU A 248 -9.71 9.86 29.83
C LEU A 248 -10.37 8.53 30.18
N ALA A 249 -10.03 7.96 31.34
CA ALA A 249 -10.45 6.60 31.66
C ALA A 249 -10.95 6.49 33.10
N SER A 250 -11.94 5.65 33.27
CA SER A 250 -12.37 5.24 34.61
C SER A 250 -11.22 4.59 35.37
N ARG A 251 -11.13 4.88 36.67
CA ARG A 251 -10.02 4.39 37.50
C ARG A 251 -10.37 3.01 38.03
N VAL A 252 -10.19 2.00 37.18
CA VAL A 252 -10.41 0.60 37.53
C VAL A 252 -9.13 -0.12 37.13
N PRO A 253 -8.81 -1.26 37.76
CA PRO A 253 -7.47 -1.85 37.56
C PRO A 253 -7.09 -2.12 36.10
N GLY A 254 -8.02 -2.63 35.29
CA GLY A 254 -7.69 -2.87 33.89
C GLY A 254 -7.25 -1.63 33.13
N ASN A 255 -7.82 -0.48 33.47
CA ASN A 255 -7.39 0.77 32.83
C ASN A 255 -6.09 1.29 33.45
N VAL A 256 -5.95 1.20 34.78
CA VAL A 256 -4.74 1.68 35.45
C VAL A 256 -3.53 0.88 34.98
N GLY A 257 -3.68 -0.42 34.78
CA GLY A 257 -2.57 -1.23 34.27
C GLY A 257 -2.11 -0.78 32.90
N MET A 258 -3.04 -0.22 32.11
CA MET A 258 -2.69 0.28 30.78
C MET A 258 -2.03 1.65 30.85
N LEU A 259 -2.55 2.55 31.68
CA LEU A 259 -2.13 3.93 31.58
C LEU A 259 -1.13 4.36 32.64
N GLY A 260 -1.00 3.63 33.73
CA GLY A 260 0.00 3.93 34.76
C GLY A 260 -0.62 4.46 36.04
N ASN A 261 0.01 4.11 37.18
CA ASN A 261 -0.48 4.60 38.47
C ASN A 261 -0.44 6.13 38.58
N ASP A 262 0.46 6.78 37.87
CA ASP A 262 0.62 8.23 37.97
C ASP A 262 -0.18 8.99 36.91
N TYR A 263 -1.02 8.30 36.12
CA TYR A 263 -1.70 8.97 35.02
C TYR A 263 -2.68 10.02 35.52
N ALA A 264 -2.68 11.18 34.86
CA ALA A 264 -3.47 12.32 35.30
C ALA A 264 -4.87 12.37 34.69
N GLY A 265 -5.24 11.37 33.89
CA GLY A 265 -6.52 11.38 33.20
C GLY A 265 -7.57 10.41 33.69
N TYR A 266 -7.58 10.08 34.99
CA TYR A 266 -8.60 9.19 35.53
C TYR A 266 -9.77 9.96 36.12
N PHE A 267 -10.95 9.36 36.05
CA PHE A 267 -12.10 9.75 36.85
C PHE A 267 -12.62 8.54 37.60
N PRO A 268 -13.20 8.73 38.78
CA PRO A 268 -13.76 7.57 39.50
C PRO A 268 -14.84 6.89 38.68
N HIS A 269 -14.87 5.55 38.73
CA HIS A 269 -15.84 4.85 37.90
C HIS A 269 -17.25 5.30 38.26
N GLY A 270 -18.07 5.51 37.23
CA GLY A 270 -19.45 5.90 37.40
C GLY A 270 -19.67 7.38 37.67
N ASP A 271 -18.61 8.17 37.75
CA ASP A 271 -18.72 9.59 38.11
C ASP A 271 -18.79 10.43 36.84
N ALA A 272 -20.02 10.63 36.33
CA ALA A 272 -20.18 11.38 35.09
C ALA A 272 -19.82 12.86 35.23
N ALA A 273 -20.07 13.47 36.40
CA ALA A 273 -19.64 14.87 36.58
C ALA A 273 -18.12 15.00 36.54
N ALA A 274 -17.40 14.05 37.14
CA ALA A 274 -15.94 14.09 37.07
C ALA A 274 -15.47 13.99 35.62
N LEU A 275 -16.05 13.06 34.85
CA LEU A 275 -15.71 12.94 33.44
C LEU A 275 -16.03 14.23 32.68
N ALA A 276 -17.22 14.78 32.92
CA ALA A 276 -17.61 16.01 32.24
C ALA A 276 -16.64 17.16 32.57
N ALA A 277 -16.17 17.21 33.81
CA ALA A 277 -15.21 18.25 34.20
C ALA A 277 -13.84 18.05 33.57
N LEU A 278 -13.42 16.79 33.40
CA LEU A 278 -12.17 16.56 32.67
C LEU A 278 -12.32 17.02 31.22
N LEU A 279 -13.46 16.73 30.59
CA LEU A 279 -13.68 17.16 29.22
C LEU A 279 -13.65 18.68 29.11
N GLU A 280 -14.26 19.37 30.09
CA GLU A 280 -14.22 20.82 30.10
C GLU A 280 -12.80 21.35 30.25
N ALA A 281 -11.99 20.69 31.10
CA ALA A 281 -10.60 21.10 31.27
C ALA A 281 -9.77 20.86 30.02
N CYS A 282 -9.98 19.73 29.34
CA CYS A 282 -9.35 19.50 28.03
C CYS A 282 -9.72 20.61 27.06
N ARG A 283 -11.01 20.95 27.00
CA ARG A 283 -11.45 22.04 26.12
C ARG A 283 -10.80 23.37 26.50
N ALA A 284 -10.84 23.71 27.79
CA ALA A 284 -10.28 24.99 28.25
C ALA A 284 -8.81 25.11 27.90
N GLY A 285 -8.06 24.01 27.93
CA GLY A 285 -6.65 24.07 27.62
C GLY A 285 -6.31 24.21 26.14
N GLN A 286 -7.26 24.01 25.25
CA GLN A 286 -6.96 24.06 23.82
C GLN A 286 -6.57 25.46 23.39
N GLY A 287 -5.68 25.54 22.42
CA GLY A 287 -5.27 26.81 21.88
C GLY A 287 -4.33 26.64 20.70
N SER A 288 -3.66 27.74 20.34
CA SER A 288 -2.81 27.75 19.17
C SER A 288 -1.45 27.11 19.47
N LYS A 289 -0.64 26.98 18.42
CA LYS A 289 0.72 26.46 18.57
C LYS A 289 1.53 27.28 19.56
N ASP A 290 1.12 28.52 19.84
CA ASP A 290 1.83 29.41 20.75
C ASP A 290 1.29 29.37 22.18
N ARG A 291 0.46 28.39 22.52
CA ARG A 291 -0.02 28.23 23.89
C ARG A 291 0.89 27.28 24.65
N ALA A 292 0.51 26.97 25.89
CA ALA A 292 1.27 26.01 26.68
C ALA A 292 0.38 25.41 27.75
N ALA A 293 0.75 24.20 28.19
CA ALA A 293 0.32 23.63 29.46
C ALA A 293 -1.19 23.37 29.53
N GLY A 294 -1.77 22.81 28.46
CA GLY A 294 -3.13 22.32 28.56
C GLY A 294 -3.20 20.89 29.12
N LEU A 295 -4.36 20.52 29.68
CA LEU A 295 -4.50 19.15 30.18
C LEU A 295 -4.19 18.15 29.07
N LEU A 296 -4.70 18.38 27.85
CA LEU A 296 -4.43 17.47 26.74
C LEU A 296 -2.94 17.30 26.51
N ASP A 297 -2.15 18.35 26.73
CA ASP A 297 -0.71 18.24 26.49
C ASP A 297 -0.04 17.41 27.57
N SER A 298 -0.42 17.59 28.83
CA SER A 298 0.11 16.71 29.88
C SER A 298 -0.27 15.26 29.62
N LEU A 299 -1.50 15.01 29.17
CA LEU A 299 -1.90 13.63 28.94
C LEU A 299 -1.18 13.05 27.72
N ARG A 300 -0.97 13.86 26.67
CA ARG A 300 -0.19 13.38 25.53
C ARG A 300 1.22 12.99 25.94
N THR A 301 1.86 13.81 26.80
CA THR A 301 3.20 13.47 27.31
C THR A 301 3.19 12.15 28.06
N GLN A 302 2.21 11.95 28.95
CA GLN A 302 2.15 10.70 29.70
C GLN A 302 1.88 9.51 28.78
N CYS A 303 0.96 9.66 27.82
CA CYS A 303 0.63 8.53 26.95
C CYS A 303 1.83 8.15 26.08
N ALA A 304 2.61 9.15 25.64
CA ALA A 304 3.80 8.84 24.84
C ALA A 304 4.78 7.98 25.62
N LEU A 305 4.81 8.12 26.95
CA LEU A 305 5.68 7.28 27.76
C LEU A 305 5.14 5.85 27.86
N ARG A 306 3.81 5.69 27.79
CA ARG A 306 3.19 4.37 27.78
C ARG A 306 3.31 3.66 26.44
N ALA A 307 3.41 4.41 25.35
CA ALA A 307 3.25 3.83 24.01
C ALA A 307 4.20 2.66 23.71
N PRO A 308 5.46 2.65 24.14
CA PRO A 308 6.31 1.48 23.86
C PRO A 308 5.78 0.17 24.45
N LEU A 309 4.89 0.23 25.45
CA LEU A 309 4.34 -0.99 26.02
C LEU A 309 3.60 -1.82 24.96
N PHE A 310 3.10 -1.18 23.91
CA PHE A 310 2.19 -1.79 22.98
C PHE A 310 2.84 -2.04 21.61
N ASP A 311 4.15 -2.26 21.63
CA ASP A 311 4.93 -2.56 20.44
C ASP A 311 4.83 -4.05 20.12
N PRO A 312 4.44 -4.42 18.90
CA PRO A 312 4.25 -5.85 18.60
C PRO A 312 5.50 -6.69 18.77
N ARG A 313 6.69 -6.11 18.57
CA ARG A 313 7.91 -6.88 18.78
C ARG A 313 8.08 -7.24 20.25
N ALA A 314 7.55 -6.41 21.15
CA ALA A 314 7.58 -6.70 22.58
C ALA A 314 6.56 -7.77 22.95
N GLU A 315 5.33 -7.66 22.45
CA GLU A 315 4.36 -8.71 22.69
C GLU A 315 4.87 -10.05 22.17
N GLN A 316 5.47 -10.03 20.98
CA GLN A 316 5.99 -11.25 20.38
C GLN A 316 7.05 -11.90 21.25
N ALA A 317 8.01 -11.12 21.75
CA ALA A 317 9.06 -11.69 22.60
C ALA A 317 8.47 -12.30 23.87
N ALA A 318 7.46 -11.65 24.46
CA ALA A 318 6.84 -12.22 25.65
C ALA A 318 6.09 -13.50 25.30
N LEU A 319 5.46 -13.56 24.13
CA LEU A 319 4.76 -14.78 23.73
C LEU A 319 5.74 -15.90 23.43
N PHE A 320 6.91 -15.57 22.84
CA PHE A 320 7.96 -16.56 22.64
C PHE A 320 8.35 -17.20 23.96
N GLN A 321 8.56 -16.38 24.99
CA GLN A 321 8.89 -16.88 26.32
C GLN A 321 7.78 -17.76 26.86
N LEU A 322 6.52 -17.32 26.71
CA LEU A 322 5.37 -18.10 27.18
C LEU A 322 5.33 -19.46 26.52
N LEU A 323 5.46 -19.49 25.20
CA LEU A 323 5.48 -20.74 24.46
C LEU A 323 6.56 -21.68 24.98
N ASN A 324 7.79 -21.15 25.14
CA ASN A 324 8.91 -21.94 25.67
C ASN A 324 8.58 -22.54 27.04
N GLU A 325 7.81 -21.82 27.86
CA GLU A 325 7.44 -22.36 29.17
C GLU A 325 6.39 -23.44 29.05
N LEU A 326 5.52 -23.37 28.03
CA LEU A 326 4.48 -24.38 27.87
C LEU A 326 4.95 -25.59 27.06
N GLN A 327 6.04 -25.45 26.30
CA GLN A 327 6.70 -26.58 25.62
C GLN A 327 8.20 -26.34 25.68
N PRO A 328 8.83 -26.71 26.82
CA PRO A 328 10.26 -26.38 27.08
C PRO A 328 11.26 -26.94 26.06
N ASN B 3 22.36 -27.47 -34.35
CA ASN B 3 22.72 -28.84 -34.72
C ASN B 3 22.02 -29.90 -33.85
N PRO B 4 22.16 -29.85 -32.51
CA PRO B 4 21.38 -30.77 -31.68
C PRO B 4 19.89 -30.51 -31.85
N SER B 5 19.07 -31.52 -31.51
CA SER B 5 17.62 -31.39 -31.39
C SER B 5 17.28 -31.49 -29.91
N LEU B 6 16.92 -30.37 -29.32
CA LEU B 6 16.62 -30.29 -27.90
C LEU B 6 15.12 -30.35 -27.68
N VAL B 7 14.71 -31.11 -26.66
CA VAL B 7 13.34 -31.13 -26.21
C VAL B 7 13.35 -30.67 -24.76
N ILE B 8 12.53 -29.67 -24.46
CA ILE B 8 12.38 -29.16 -23.11
C ILE B 8 11.07 -29.70 -22.57
N VAL B 9 11.12 -30.43 -21.46
CA VAL B 9 9.92 -30.99 -20.86
C VAL B 9 9.52 -30.09 -19.69
N SER B 10 8.31 -29.53 -19.75
CA SER B 10 7.84 -28.64 -18.69
C SER B 10 6.45 -29.11 -18.25
N PRO B 11 6.21 -29.25 -16.95
CA PRO B 11 4.87 -29.70 -16.50
C PRO B 11 3.75 -28.69 -16.75
N ALA B 12 4.06 -27.47 -17.19
CA ALA B 12 3.03 -26.43 -17.27
C ALA B 12 2.12 -26.65 -18.48
N LEU B 13 0.82 -26.45 -18.27
CA LEU B 13 -0.11 -26.47 -19.39
C LEU B 13 0.33 -25.43 -20.43
N PRO B 14 0.23 -25.74 -21.72
CA PRO B 14 0.68 -24.79 -22.74
C PRO B 14 0.00 -23.44 -22.58
N GLY B 15 0.80 -22.38 -22.80
CA GLY B 15 0.31 -21.02 -22.72
C GLY B 15 0.13 -20.46 -21.32
N ALA B 16 0.29 -21.28 -20.27
CA ALA B 16 0.00 -20.84 -18.91
C ALA B 16 0.98 -19.75 -18.46
N ASN B 17 0.46 -18.83 -17.64
CA ASN B 17 1.23 -17.67 -17.16
C ASN B 17 1.86 -18.01 -15.81
N ASN B 18 2.93 -18.82 -15.83
CA ASN B 18 3.62 -19.16 -14.60
C ASN B 18 5.12 -19.38 -14.89
N GLY B 19 5.88 -19.63 -13.83
CA GLY B 19 7.33 -19.75 -13.97
C GLY B 19 7.75 -20.92 -14.85
N ASN B 20 7.10 -22.07 -14.68
CA ASN B 20 7.51 -23.28 -15.40
C ASN B 20 7.36 -23.10 -16.90
N TRP B 21 6.25 -22.51 -17.34
CA TRP B 21 6.07 -22.22 -18.75
C TRP B 21 7.06 -21.15 -19.21
N ARG B 22 7.24 -20.11 -18.40
CA ARG B 22 8.13 -19.01 -18.79
C ARG B 22 9.55 -19.52 -19.01
N THR B 23 10.06 -20.33 -18.08
CA THR B 23 11.42 -20.89 -18.23
C THR B 23 11.55 -21.64 -19.55
N ALA B 24 10.60 -22.55 -19.82
CA ALA B 24 10.73 -23.40 -21.00
C ALA B 24 10.69 -22.57 -22.27
N GLN B 25 9.79 -21.59 -22.35
CA GLN B 25 9.69 -20.74 -23.54
C GLN B 25 10.92 -19.84 -23.69
N ARG B 26 11.44 -19.32 -22.58
CA ARG B 26 12.62 -18.46 -22.67
C ARG B 26 13.85 -19.27 -23.07
N TRP B 27 14.03 -20.44 -22.45
CA TRP B 27 15.13 -21.33 -22.83
C TRP B 27 15.05 -21.73 -24.30
N LYS B 28 13.85 -22.04 -24.79
CA LYS B 28 13.70 -22.37 -26.19
C LYS B 28 14.13 -21.20 -27.08
N ALA B 29 13.72 -19.98 -26.72
CA ALA B 29 14.11 -18.81 -27.51
C ALA B 29 15.62 -18.56 -27.42
N LEU B 30 16.21 -18.70 -26.24
CA LEU B 30 17.63 -18.40 -26.10
C LEU B 30 18.50 -19.45 -26.77
N LEU B 31 18.03 -20.69 -26.86
CA LEU B 31 18.84 -21.78 -27.40
C LEU B 31 18.62 -22.01 -28.90
N SER B 32 17.55 -21.45 -29.47
CA SER B 32 17.23 -21.55 -30.89
C SER B 32 18.37 -21.18 -31.84
N PRO B 33 19.27 -20.23 -31.50
CA PRO B 33 20.37 -19.94 -32.44
C PRO B 33 21.37 -21.07 -32.63
N VAL B 34 21.40 -22.06 -31.72
CA VAL B 34 22.43 -23.09 -31.80
C VAL B 34 21.81 -24.48 -31.82
N CYS B 35 20.48 -24.58 -31.86
CA CYS B 35 19.85 -25.89 -31.94
C CYS B 35 18.40 -25.74 -32.39
N SER B 36 17.82 -26.87 -32.77
CA SER B 36 16.39 -26.98 -33.00
C SER B 36 15.75 -27.35 -31.66
N ALA B 37 14.86 -26.51 -31.14
CA ALA B 37 14.37 -26.66 -29.79
C ALA B 37 12.84 -26.66 -29.77
N ARG B 38 12.26 -27.53 -28.95
CA ARG B 38 10.81 -27.61 -28.80
C ARG B 38 10.48 -27.91 -27.35
N VAL B 39 9.29 -27.49 -26.94
CA VAL B 39 8.77 -27.66 -25.59
C VAL B 39 7.60 -28.64 -25.64
N VAL B 40 7.57 -29.59 -24.70
CA VAL B 40 6.48 -30.55 -24.59
C VAL B 40 6.16 -30.70 -23.11
N GLN B 41 4.99 -31.27 -22.86
CA GLN B 41 4.59 -31.60 -21.50
C GLN B 41 5.04 -32.99 -21.09
N GLN B 42 5.23 -33.89 -22.04
CA GLN B 42 5.66 -35.24 -21.70
C GLN B 42 6.39 -35.83 -22.89
N TRP B 43 7.25 -36.81 -22.59
CA TRP B 43 8.12 -37.43 -23.58
C TRP B 43 8.13 -38.95 -23.35
N PRO B 44 8.09 -39.75 -24.41
CA PRO B 44 8.13 -39.41 -25.84
C PRO B 44 6.78 -39.00 -26.43
N ASP B 45 6.82 -38.49 -27.66
CA ASP B 45 5.68 -38.25 -28.52
C ASP B 45 6.09 -38.69 -29.92
N ALA B 46 5.30 -38.32 -30.92
CA ALA B 46 5.57 -38.81 -32.28
C ALA B 46 6.90 -38.31 -32.83
N ASP B 47 7.38 -37.15 -32.36
CA ASP B 47 8.64 -36.59 -32.85
C ASP B 47 9.86 -37.02 -32.04
N ALA B 48 9.69 -37.93 -31.07
CA ALA B 48 10.73 -38.16 -30.08
C ALA B 48 12.02 -38.71 -30.68
N SER B 49 11.93 -39.41 -31.82
CA SER B 49 13.09 -40.13 -32.35
C SER B 49 14.23 -39.20 -32.73
N ALA B 50 13.92 -37.97 -33.15
CA ALA B 50 14.94 -37.03 -33.59
C ALA B 50 15.59 -36.24 -32.45
N ASP B 51 15.04 -36.30 -31.24
CA ASP B 51 15.60 -35.58 -30.09
C ASP B 51 16.95 -36.16 -29.66
N THR B 52 17.91 -35.26 -29.41
CA THR B 52 19.24 -35.66 -28.96
C THR B 52 19.60 -35.18 -27.56
N VAL B 53 18.91 -34.17 -27.01
CA VAL B 53 19.14 -33.68 -25.67
C VAL B 53 17.79 -33.41 -25.03
N MET B 54 17.64 -33.74 -23.74
CA MET B 54 16.43 -33.27 -23.09
C MET B 54 16.79 -32.46 -21.86
N LEU B 55 16.07 -31.36 -21.68
CA LEU B 55 16.10 -30.60 -20.43
C LEU B 55 14.70 -30.72 -19.82
N ALA B 56 14.62 -31.34 -18.65
CA ALA B 56 13.33 -31.63 -18.05
C ALA B 56 13.17 -30.86 -16.74
N LEU B 57 12.10 -30.08 -16.67
CA LEU B 57 11.80 -29.26 -15.49
C LEU B 57 11.04 -30.05 -14.43
N HIS B 58 11.59 -30.06 -13.21
CA HIS B 58 11.03 -30.61 -11.97
C HIS B 58 11.30 -32.10 -11.84
N ALA B 59 12.18 -32.46 -10.89
CA ALA B 59 12.59 -33.86 -10.73
C ALA B 59 11.42 -34.80 -10.41
N ARG B 60 10.38 -34.30 -9.73
CA ARG B 60 9.21 -35.17 -9.48
C ARG B 60 8.19 -35.08 -10.60
N ARG B 61 7.75 -33.87 -10.96
CA ARG B 61 6.63 -33.77 -11.88
C ARG B 61 6.96 -34.28 -13.27
N SER B 62 8.22 -34.15 -13.70
CA SER B 62 8.64 -34.68 -14.99
C SER B 62 9.32 -36.05 -14.88
N ALA B 63 9.19 -36.72 -13.73
CA ALA B 63 9.97 -37.92 -13.45
C ALA B 63 9.69 -39.04 -14.45
N GLU B 64 8.45 -39.14 -14.94
CA GLU B 64 8.12 -40.18 -15.93
C GLU B 64 8.84 -39.94 -17.25
N SER B 65 8.81 -38.69 -17.75
CA SER B 65 9.52 -38.42 -18.99
C SER B 65 11.03 -38.53 -18.81
N ILE B 66 11.54 -38.16 -17.63
CA ILE B 66 12.96 -38.31 -17.31
C ILE B 66 13.39 -39.78 -17.37
N ALA B 67 12.60 -40.66 -16.73
CA ALA B 67 12.88 -42.09 -16.78
C ALA B 67 12.85 -42.63 -18.21
N HIS B 68 11.91 -42.14 -19.03
CA HIS B 68 11.80 -42.60 -20.40
C HIS B 68 13.04 -42.24 -21.20
N TRP B 69 13.50 -40.98 -21.06
CA TRP B 69 14.72 -40.57 -21.74
C TRP B 69 15.91 -41.38 -21.25
N ALA B 70 15.99 -41.60 -19.93
CA ALA B 70 17.16 -42.30 -19.38
C ALA B 70 17.17 -43.75 -19.84
N HIS B 71 16.00 -44.38 -19.95
CA HIS B 71 15.93 -45.78 -20.40
C HIS B 71 16.19 -45.90 -21.90
N ALA B 72 15.82 -44.88 -22.68
CA ALA B 72 16.11 -44.90 -24.11
C ALA B 72 17.55 -44.48 -24.40
N HIS B 73 18.17 -43.68 -23.56
CA HIS B 73 19.47 -43.08 -23.86
C HIS B 73 20.34 -43.14 -22.61
N PRO B 74 20.68 -44.35 -22.15
CA PRO B 74 21.32 -44.47 -20.84
C PRO B 74 22.66 -43.76 -20.80
N GLY B 75 22.88 -42.99 -19.74
CA GLY B 75 24.11 -42.24 -19.57
C GLY B 75 24.29 -41.02 -20.45
N ARG B 76 23.33 -40.68 -21.31
CA ARG B 76 23.57 -39.63 -22.31
C ARG B 76 22.43 -38.61 -22.40
N GLY B 77 22.79 -37.32 -22.46
CA GLY B 77 21.92 -36.29 -22.96
C GLY B 77 20.83 -35.75 -22.05
N LEU B 78 20.80 -36.14 -20.77
CA LEU B 78 19.70 -35.76 -19.88
C LEU B 78 20.10 -34.66 -18.90
N GLY B 79 19.41 -33.52 -18.98
CA GLY B 79 19.50 -32.50 -17.94
C GLY B 79 18.22 -32.34 -17.14
N VAL B 80 18.29 -32.34 -15.81
CA VAL B 80 17.11 -32.19 -14.97
C VAL B 80 17.22 -30.86 -14.25
N VAL B 81 16.16 -30.05 -14.36
CA VAL B 81 16.14 -28.68 -13.83
C VAL B 81 15.36 -28.69 -12.53
N LEU B 82 16.02 -28.30 -11.45
CA LEU B 82 15.38 -28.26 -10.14
C LEU B 82 14.68 -26.90 -9.99
N THR B 83 13.37 -26.89 -10.21
CA THR B 83 12.59 -25.67 -10.23
C THR B 83 12.23 -25.16 -8.84
N GLY B 84 12.34 -25.98 -7.79
CA GLY B 84 12.09 -25.47 -6.45
C GLY B 84 11.50 -26.47 -5.48
N THR B 85 10.23 -26.83 -5.66
CA THR B 85 9.60 -27.77 -4.73
C THR B 85 10.25 -29.14 -4.79
N ASP B 86 10.94 -29.48 -5.88
CA ASP B 86 11.68 -30.73 -5.88
C ASP B 86 12.93 -30.60 -5.00
N LEU B 87 13.68 -29.51 -5.17
CA LEU B 87 14.96 -29.37 -4.48
C LEU B 87 14.77 -29.14 -2.97
N TYR B 88 13.77 -28.34 -2.59
CA TYR B 88 13.62 -27.97 -1.19
C TYR B 88 12.54 -28.77 -0.47
N GLN B 89 11.98 -29.81 -1.11
CA GLN B 89 10.94 -30.58 -0.44
C GLN B 89 10.82 -32.02 -0.94
N ASP B 90 10.83 -32.24 -2.25
CA ASP B 90 10.50 -33.57 -2.75
C ASP B 90 11.68 -34.55 -2.66
N ILE B 91 12.90 -34.09 -2.96
CA ILE B 91 14.03 -35.02 -3.03
C ILE B 91 14.37 -35.57 -1.64
N GLY B 92 13.87 -34.94 -0.59
CA GLY B 92 14.07 -35.47 0.76
C GLY B 92 13.53 -36.88 0.91
N SER B 93 12.32 -37.14 0.40
CA SER B 93 11.65 -38.40 0.69
C SER B 93 10.89 -39.03 -0.48
N ASP B 94 10.83 -38.37 -1.64
CA ASP B 94 10.06 -38.91 -2.76
C ASP B 94 10.97 -39.75 -3.65
N PRO B 95 10.74 -41.06 -3.76
CA PRO B 95 11.65 -41.91 -4.58
C PRO B 95 11.68 -41.54 -6.04
N GLN B 96 10.62 -40.92 -6.57
CA GLN B 96 10.61 -40.53 -7.98
C GLN B 96 11.56 -39.36 -8.22
N ALA B 97 11.48 -38.34 -7.37
CA ALA B 97 12.42 -37.22 -7.50
C ALA B 97 13.85 -37.70 -7.28
N GLN B 98 14.06 -38.60 -6.32
CA GLN B 98 15.41 -39.12 -6.07
C GLN B 98 15.93 -39.89 -7.28
N ARG B 99 15.10 -40.72 -7.91
CA ARG B 99 15.53 -41.43 -9.11
C ARG B 99 15.93 -40.46 -10.21
N SER B 100 15.19 -39.35 -10.38
CA SER B 100 15.54 -38.39 -11.41
C SER B 100 16.93 -37.79 -11.16
N LEU B 101 17.29 -37.59 -9.89
CA LEU B 101 18.61 -37.03 -9.60
C LEU B 101 19.71 -38.01 -9.96
N GLN B 102 19.46 -39.30 -9.72
CA GLN B 102 20.41 -40.36 -10.10
C GLN B 102 20.60 -40.42 -11.61
N LEU B 103 19.52 -40.31 -12.37
CA LEU B 103 19.56 -40.62 -13.80
C LEU B 103 20.17 -39.50 -14.61
N ALA B 104 20.14 -38.27 -14.10
CA ALA B 104 20.54 -37.12 -14.89
C ALA B 104 22.04 -37.15 -15.19
N GLN B 105 22.41 -36.70 -16.39
CA GLN B 105 23.80 -36.37 -16.65
C GLN B 105 24.17 -35.04 -16.00
N ARG B 106 23.28 -34.04 -16.04
CA ARG B 106 23.52 -32.77 -15.37
C ARG B 106 22.29 -32.37 -14.58
N LEU B 107 22.52 -31.71 -13.45
CA LEU B 107 21.45 -31.13 -12.64
C LEU B 107 21.57 -29.61 -12.68
N VAL B 108 20.49 -28.94 -13.02
CA VAL B 108 20.51 -27.47 -13.12
C VAL B 108 19.81 -26.88 -11.90
N VAL B 109 20.49 -25.98 -11.20
CA VAL B 109 19.90 -25.17 -10.14
C VAL B 109 19.88 -23.71 -10.63
N LEU B 110 18.92 -22.94 -10.13
CA LEU B 110 18.62 -21.63 -10.72
C LEU B 110 19.17 -20.47 -9.90
N GLN B 111 19.92 -20.75 -8.85
CA GLN B 111 20.66 -19.71 -8.14
C GLN B 111 21.80 -20.41 -7.40
N ALA B 112 22.77 -19.61 -6.93
CA ALA B 112 24.07 -20.14 -6.52
C ALA B 112 24.00 -21.12 -5.34
N LEU B 113 23.06 -20.95 -4.41
CA LEU B 113 22.95 -21.81 -3.24
C LEU B 113 22.28 -23.15 -3.52
N GLY B 114 21.87 -23.40 -4.76
CA GLY B 114 21.07 -24.59 -5.05
C GLY B 114 21.77 -25.90 -4.70
N ALA B 115 23.06 -26.02 -5.05
CA ALA B 115 23.77 -27.30 -4.88
C ALA B 115 23.89 -27.68 -3.41
N GLU B 116 23.89 -26.70 -2.50
CA GLU B 116 23.90 -26.99 -1.07
C GLU B 116 22.73 -27.88 -0.63
N ALA B 117 21.59 -27.76 -1.31
CA ALA B 117 20.44 -28.61 -0.98
C ALA B 117 20.54 -30.00 -1.60
N LEU B 118 21.43 -30.20 -2.60
CA LEU B 118 21.60 -31.52 -3.20
C LEU B 118 22.48 -32.43 -2.34
N PRO B 119 22.25 -33.74 -2.38
CA PRO B 119 23.19 -34.66 -1.71
C PRO B 119 24.57 -34.52 -2.30
N PRO B 120 25.62 -34.63 -1.46
CA PRO B 120 27.00 -34.42 -1.95
C PRO B 120 27.36 -35.25 -3.17
N GLU B 121 26.88 -36.49 -3.27
CA GLU B 121 27.23 -37.30 -4.44
C GLU B 121 26.61 -36.78 -5.73
N CYS B 122 25.66 -35.83 -5.65
CA CYS B 122 25.08 -35.20 -6.82
C CYS B 122 25.72 -33.87 -7.18
N ARG B 123 26.60 -33.33 -6.33
CA ARG B 123 27.05 -31.97 -6.55
C ARG B 123 28.01 -31.86 -7.73
N ALA B 124 28.70 -32.94 -8.10
CA ALA B 124 29.69 -32.84 -9.16
C ALA B 124 29.04 -32.59 -10.52
N LYS B 125 27.82 -33.09 -10.74
CA LYS B 125 27.12 -32.87 -12.01
C LYS B 125 26.14 -31.70 -11.94
N ALA B 126 26.15 -30.94 -10.84
CA ALA B 126 25.26 -29.79 -10.68
C ALA B 126 25.81 -28.55 -11.40
N ARG B 127 24.91 -27.81 -12.04
CA ARG B 127 25.27 -26.61 -12.81
C ARG B 127 24.30 -25.48 -12.45
N VAL B 128 24.85 -24.31 -12.18
CA VAL B 128 24.03 -23.15 -11.84
C VAL B 128 23.70 -22.39 -13.12
N VAL B 129 22.41 -22.11 -13.32
CA VAL B 129 21.98 -21.21 -14.38
C VAL B 129 21.05 -20.20 -13.74
N TYR B 130 21.58 -19.01 -13.43
CA TYR B 130 20.70 -17.91 -13.04
C TYR B 130 19.76 -17.62 -14.20
N GLN B 131 18.49 -17.45 -13.89
CA GLN B 131 17.53 -17.10 -14.94
C GLN B 131 17.67 -15.63 -15.30
N SER B 132 16.85 -15.19 -16.25
CA SER B 132 16.96 -13.85 -16.77
C SER B 132 15.58 -13.34 -17.15
N THR B 133 15.50 -12.03 -17.33
CA THR B 133 14.26 -11.39 -17.75
C THR B 133 14.61 -10.07 -18.42
N SER B 134 13.67 -9.54 -19.21
CA SER B 134 13.89 -8.25 -19.84
C SER B 134 13.78 -7.14 -18.79
N ALA B 135 14.50 -6.03 -19.03
CA ALA B 135 14.47 -4.92 -18.11
C ALA B 135 13.21 -4.07 -18.34
N ARG B 136 12.90 -3.24 -17.35
CA ARG B 136 11.97 -2.15 -17.51
C ARG B 136 12.62 -0.90 -16.93
N ALA B 137 12.39 0.25 -17.59
CA ALA B 137 12.90 1.51 -17.10
C ALA B 137 12.46 1.73 -15.66
N GLU B 138 13.39 2.15 -14.81
CA GLU B 138 13.01 2.50 -13.45
C GLU B 138 12.22 3.80 -13.47
N LEU B 139 11.12 3.82 -12.78
CA LEU B 139 10.22 4.95 -12.71
C LEU B 139 10.44 5.74 -11.42
N PRO B 140 10.28 7.06 -11.48
CA PRO B 140 10.22 7.86 -10.26
C PRO B 140 8.94 7.53 -9.51
N LYS B 141 9.01 7.58 -8.18
CA LYS B 141 7.90 7.13 -7.37
C LYS B 141 7.54 8.19 -6.33
N SER B 142 6.27 8.19 -5.94
CA SER B 142 5.72 9.24 -5.10
C SER B 142 6.13 9.04 -3.65
N ALA B 143 6.36 10.15 -2.94
CA ALA B 143 6.64 10.08 -1.51
C ALA B 143 5.36 10.03 -0.66
N ARG B 144 4.19 10.04 -1.28
CA ARG B 144 2.93 10.19 -0.54
C ARG B 144 2.54 8.93 0.19
N GLN B 145 3.02 7.78 -0.27
CA GLN B 145 2.41 6.49 0.06
C GLN B 145 3.42 5.42 -0.30
N LEU B 146 3.37 4.31 0.41
CA LEU B 146 4.20 3.14 0.08
C LEU B 146 3.28 2.10 -0.53
N ARG B 147 3.47 1.80 -1.82
CA ARG B 147 2.67 0.80 -2.52
C ARG B 147 3.50 -0.46 -2.67
N ALA B 148 3.09 -1.53 -1.99
CA ALA B 148 3.79 -2.80 -2.11
C ALA B 148 2.99 -3.73 -3.01
N VAL B 149 3.69 -4.62 -3.71
CA VAL B 149 3.06 -5.63 -4.55
C VAL B 149 3.67 -6.98 -4.23
N MET B 150 2.82 -8.00 -4.16
CA MET B 150 3.23 -9.40 -4.09
C MET B 150 2.67 -10.10 -5.32
N VAL B 151 3.46 -10.95 -5.97
CA VAL B 151 3.00 -11.67 -7.16
C VAL B 151 3.24 -13.16 -6.96
N GLY B 152 2.18 -13.95 -7.06
CA GLY B 152 2.30 -15.39 -7.02
C GLY B 152 0.93 -16.04 -6.97
N HIS B 153 0.64 -16.91 -7.94
CA HIS B 153 -0.57 -17.73 -7.85
C HIS B 153 -0.60 -18.37 -6.46
N LEU B 154 -1.76 -18.30 -5.83
CA LEU B 154 -1.87 -18.67 -4.42
C LEU B 154 -1.74 -20.18 -4.25
N ARG B 155 -0.61 -20.61 -3.70
CA ARG B 155 -0.48 -21.93 -3.12
C ARG B 155 0.24 -21.76 -1.79
N GLN B 156 0.13 -22.81 -0.95
CA GLN B 156 0.71 -22.75 0.39
C GLN B 156 2.19 -22.46 0.34
N VAL B 157 2.89 -22.96 -0.69
CA VAL B 157 4.34 -22.81 -0.77
C VAL B 157 4.75 -21.34 -0.93
N LYS B 158 3.85 -20.50 -1.43
CA LYS B 158 4.08 -19.05 -1.51
C LYS B 158 3.86 -18.35 -0.18
N SER B 159 3.31 -19.04 0.83
CA SER B 159 3.09 -18.48 2.16
C SER B 159 2.35 -17.15 2.15
N PRO B 160 1.22 -17.06 1.43
CA PRO B 160 0.52 -15.76 1.35
C PRO B 160 -0.03 -15.28 2.68
N GLN B 161 -0.25 -16.20 3.64
CA GLN B 161 -0.72 -15.83 4.98
C GLN B 161 0.21 -14.85 5.67
N THR B 162 1.52 -14.92 5.41
CA THR B 162 2.43 -13.92 5.96
C THR B 162 2.04 -12.53 5.50
N LEU B 163 1.72 -12.39 4.22
CA LEU B 163 1.28 -11.11 3.70
C LEU B 163 -0.08 -10.71 4.28
N PHE B 164 -1.01 -11.67 4.33
CA PHE B 164 -2.33 -11.38 4.90
C PHE B 164 -2.18 -10.84 6.33
N ASP B 165 -1.37 -11.51 7.13
CA ASP B 165 -1.18 -11.13 8.53
C ASP B 165 -0.51 -9.77 8.65
N ALA B 166 0.45 -9.47 7.77
CA ALA B 166 1.11 -8.16 7.80
C ALA B 166 0.12 -7.05 7.47
N ALA B 167 -0.75 -7.30 6.47
CA ALA B 167 -1.76 -6.31 6.11
C ALA B 167 -2.74 -6.07 7.26
N ARG B 168 -3.16 -7.14 7.94
CA ARG B 168 -4.06 -6.98 9.08
C ARG B 168 -3.39 -6.19 10.20
N LEU B 169 -2.11 -6.45 10.48
CA LEU B 169 -1.39 -5.68 11.48
C LEU B 169 -1.42 -4.19 11.16
N LEU B 170 -1.47 -3.84 9.87
CA LEU B 170 -1.44 -2.47 9.40
C LEU B 170 -2.82 -1.98 8.96
N CYS B 171 -3.89 -2.63 9.44
CA CYS B 171 -5.21 -2.43 8.86
C CYS B 171 -5.67 -0.98 9.00
N GLY B 172 -6.13 -0.40 7.89
CA GLY B 172 -6.57 0.98 7.90
C GLY B 172 -5.48 2.02 7.76
N ARG B 173 -4.22 1.61 7.72
CA ARG B 173 -3.11 2.53 7.50
C ARG B 173 -3.17 3.07 6.06
N GLU B 174 -3.52 4.35 5.93
CA GLU B 174 -3.78 4.96 4.62
C GLU B 174 -2.52 5.23 3.79
N ASP B 175 -1.36 5.34 4.40
CA ASP B 175 -0.15 5.63 3.64
C ASP B 175 0.63 4.38 3.23
N ILE B 176 0.04 3.20 3.38
CA ILE B 176 0.66 1.94 2.97
C ILE B 176 -0.40 1.12 2.26
N ARG B 177 -0.11 0.69 1.03
CA ARG B 177 -1.02 -0.12 0.23
C ARG B 177 -0.32 -1.40 -0.20
N ILE B 178 -1.08 -2.48 -0.27
CA ILE B 178 -0.57 -3.78 -0.70
C ILE B 178 -1.48 -4.28 -1.81
N ASP B 179 -0.91 -4.51 -2.99
CA ASP B 179 -1.63 -5.14 -4.10
C ASP B 179 -1.08 -6.55 -4.27
N HIS B 180 -2.00 -7.51 -4.41
CA HIS B 180 -1.64 -8.93 -4.42
C HIS B 180 -2.10 -9.51 -5.74
N ILE B 181 -1.17 -9.98 -6.55
CA ILE B 181 -1.46 -10.49 -7.88
C ILE B 181 -1.28 -12.00 -7.88
N GLY B 182 -2.28 -12.73 -8.38
CA GLY B 182 -2.23 -14.17 -8.41
C GLY B 182 -3.58 -14.85 -8.48
N ASP B 183 -3.65 -15.93 -9.25
CA ASP B 183 -4.87 -16.74 -9.29
C ASP B 183 -5.17 -17.36 -7.93
N ALA B 184 -6.45 -17.59 -7.66
CA ALA B 184 -6.80 -18.54 -6.62
C ALA B 184 -6.22 -19.90 -6.97
N GLY B 185 -5.95 -20.70 -5.95
CA GLY B 185 -5.28 -21.95 -6.20
C GLY B 185 -5.57 -22.92 -5.08
N ASP B 186 -4.61 -23.09 -4.17
CA ASP B 186 -4.84 -23.93 -3.00
C ASP B 186 -6.11 -23.48 -2.29
N ALA B 187 -6.92 -24.47 -1.91
CA ALA B 187 -8.27 -24.23 -1.42
C ALA B 187 -8.30 -23.22 -0.28
N GLY B 188 -9.22 -22.26 -0.35
CA GLY B 188 -9.45 -21.35 0.73
C GLY B 188 -8.51 -20.16 0.80
N LEU B 189 -7.41 -20.17 0.06
CA LEU B 189 -6.49 -19.03 0.09
C LEU B 189 -7.12 -17.81 -0.57
N GLY B 190 -7.90 -18.02 -1.64
CA GLY B 190 -8.64 -16.91 -2.22
C GLY B 190 -9.70 -16.33 -1.29
N GLU B 191 -10.30 -17.19 -0.46
CA GLU B 191 -11.31 -16.73 0.50
C GLU B 191 -10.70 -15.79 1.54
N LEU B 192 -9.53 -16.14 2.06
CA LEU B 192 -8.81 -15.23 2.95
C LEU B 192 -8.52 -13.91 2.25
N ALA B 193 -8.02 -13.96 1.02
CA ALA B 193 -7.70 -12.73 0.30
C ALA B 193 -8.95 -11.87 0.12
N ARG B 194 -10.09 -12.49 -0.21
CA ARG B 194 -11.34 -11.76 -0.36
C ARG B 194 -11.80 -11.14 0.94
N ALA B 195 -11.72 -11.90 2.04
CA ALA B 195 -12.12 -11.35 3.34
C ALA B 195 -11.20 -10.21 3.73
N LEU B 196 -9.89 -10.39 3.57
CA LEU B 196 -8.94 -9.35 3.90
C LEU B 196 -9.23 -8.07 3.11
N ALA B 197 -9.47 -8.19 1.81
CA ALA B 197 -9.72 -7.00 0.99
C ALA B 197 -10.99 -6.28 1.43
N SER B 198 -11.98 -7.02 1.92
CA SER B 198 -13.18 -6.38 2.45
C SER B 198 -12.89 -5.64 3.76
N ASP B 199 -12.07 -6.22 4.64
CA ASP B 199 -11.83 -5.64 5.96
C ASP B 199 -10.84 -4.47 5.94
N CYS B 200 -9.77 -4.59 5.16
CA CYS B 200 -8.65 -3.65 5.18
C CYS B 200 -8.48 -3.08 3.78
N PRO B 201 -9.11 -1.94 3.49
CA PRO B 201 -9.18 -1.47 2.09
C PRO B 201 -7.83 -1.07 1.50
N GLY B 202 -6.79 -0.88 2.30
CA GLY B 202 -5.46 -0.70 1.75
C GLY B 202 -4.87 -1.97 1.12
N TYR B 203 -5.48 -3.12 1.33
CA TYR B 203 -5.10 -4.36 0.68
C TYR B 203 -6.08 -4.66 -0.44
N ARG B 204 -5.56 -5.02 -1.62
CA ARG B 204 -6.38 -5.47 -2.72
C ARG B 204 -5.80 -6.77 -3.26
N TRP B 205 -6.69 -7.75 -3.50
CA TRP B 205 -6.34 -8.96 -4.25
C TRP B 205 -6.84 -8.77 -5.68
N LEU B 206 -5.91 -8.64 -6.62
CA LEU B 206 -6.28 -8.34 -7.99
C LEU B 206 -6.56 -9.59 -8.83
N GLY B 207 -6.43 -10.79 -8.26
CA GLY B 207 -6.58 -12.00 -9.04
C GLY B 207 -5.41 -12.19 -9.98
N ALA B 208 -5.51 -13.23 -10.81
CA ALA B 208 -4.54 -13.43 -11.89
C ALA B 208 -4.61 -12.29 -12.90
N LEU B 209 -3.45 -11.80 -13.32
CA LEU B 209 -3.35 -10.77 -14.35
C LEU B 209 -2.43 -11.25 -15.47
N PRO B 210 -2.64 -10.77 -16.69
CA PRO B 210 -1.69 -11.06 -17.77
C PRO B 210 -0.30 -10.53 -17.43
N HIS B 211 0.70 -11.16 -18.06
CA HIS B 211 2.07 -10.94 -17.64
C HIS B 211 2.53 -9.51 -17.91
N ALA B 212 2.12 -8.94 -19.04
CA ALA B 212 2.51 -7.56 -19.33
C ALA B 212 1.98 -6.61 -18.27
N GLN B 213 0.73 -6.82 -17.84
CA GLN B 213 0.20 -5.93 -16.83
C GLN B 213 0.83 -6.21 -15.48
N THR B 214 1.17 -7.47 -15.19
CA THR B 214 1.86 -7.77 -13.93
C THR B 214 3.21 -7.08 -13.87
N ARG B 215 3.95 -7.08 -14.98
CA ARG B 215 5.26 -6.43 -15.02
C ARG B 215 5.14 -4.91 -14.87
N GLN B 216 4.13 -4.30 -15.49
CA GLN B 216 3.87 -2.88 -15.27
C GLN B 216 3.62 -2.57 -13.80
N ARG B 217 2.82 -3.40 -13.12
CA ARG B 217 2.52 -3.12 -11.72
C ARG B 217 3.73 -3.30 -10.82
N ILE B 218 4.55 -4.33 -11.10
CA ILE B 218 5.82 -4.46 -10.39
C ILE B 218 6.69 -3.23 -10.61
N GLN B 219 6.78 -2.79 -11.87
CA GLN B 219 7.57 -1.61 -12.21
C GLN B 219 7.07 -0.37 -11.46
N ARG B 220 5.76 -0.23 -11.30
CA ARG B 220 5.22 0.98 -10.67
C ARG B 220 5.28 0.93 -9.15
N ALA B 221 5.25 -0.27 -8.57
CA ALA B 221 5.24 -0.42 -7.11
C ALA B 221 6.51 0.16 -6.49
N HIS B 222 6.38 0.60 -5.22
CA HIS B 222 7.57 1.03 -4.48
C HIS B 222 8.45 -0.14 -4.11
N VAL B 223 7.85 -1.31 -3.90
CA VAL B 223 8.59 -2.45 -3.37
C VAL B 223 7.82 -3.73 -3.69
N LEU B 224 8.56 -4.80 -3.96
CA LEU B 224 7.98 -6.12 -4.16
C LEU B 224 8.18 -6.94 -2.89
N VAL B 225 7.10 -7.52 -2.38
CA VAL B 225 7.16 -8.41 -1.22
C VAL B 225 7.04 -9.83 -1.73
N HIS B 226 7.89 -10.72 -1.23
CA HIS B 226 7.85 -12.13 -1.61
C HIS B 226 8.06 -12.95 -0.34
N THR B 227 7.05 -13.73 0.06
CA THR B 227 7.01 -14.36 1.38
C THR B 227 7.31 -15.86 1.37
N SER B 228 7.64 -16.43 0.20
CA SER B 228 7.61 -17.88 -0.03
C SER B 228 8.40 -18.66 1.01
N ALA B 229 7.90 -19.88 1.33
CA ALA B 229 8.63 -20.83 2.16
C ALA B 229 9.78 -21.50 1.40
N LEU B 230 9.67 -21.61 0.08
CA LEU B 230 10.78 -22.08 -0.73
C LEU B 230 10.63 -21.52 -2.14
N GLU B 231 11.77 -21.36 -2.81
CA GLU B 231 11.80 -20.92 -4.19
C GLU B 231 12.95 -21.63 -4.89
N GLY B 232 12.75 -21.96 -6.15
CA GLY B 232 13.90 -22.35 -6.95
C GLY B 232 14.76 -21.18 -7.36
N GLY B 233 14.16 -19.99 -7.44
CA GLY B 233 14.77 -18.77 -7.94
C GLY B 233 13.71 -17.94 -8.66
N ALA B 234 12.96 -17.12 -7.92
CA ALA B 234 11.67 -16.62 -8.40
C ALA B 234 11.79 -15.61 -9.55
N HIS B 235 10.98 -15.83 -10.59
CA HIS B 235 10.91 -14.87 -11.69
C HIS B 235 10.53 -13.48 -11.19
N VAL B 236 9.58 -13.38 -10.25
CA VAL B 236 9.08 -12.06 -9.87
C VAL B 236 10.15 -11.23 -9.18
N ILE B 237 11.08 -11.86 -8.45
CA ILE B 237 12.16 -11.09 -7.83
C ILE B 237 13.07 -10.50 -8.91
N MET B 238 13.45 -11.32 -9.89
CA MET B 238 14.11 -10.90 -11.13
C MET B 238 13.40 -9.70 -11.75
N GLU B 239 12.10 -9.86 -11.95
CA GLU B 239 11.33 -8.85 -12.67
C GLU B 239 11.33 -7.53 -11.91
N ALA B 240 11.26 -7.62 -10.57
CA ALA B 240 11.33 -6.42 -9.74
C ALA B 240 12.71 -5.79 -9.84
N VAL B 241 13.77 -6.58 -9.60
CA VAL B 241 15.14 -6.08 -9.65
C VAL B 241 15.44 -5.40 -10.99
N ARG B 242 15.04 -6.04 -12.10
CA ARG B 242 15.32 -5.51 -13.42
C ARG B 242 14.37 -4.37 -13.82
N SER B 243 13.51 -3.95 -12.90
CA SER B 243 12.67 -2.76 -13.05
C SER B 243 13.10 -1.64 -12.12
N GLY B 244 14.20 -1.81 -11.39
CA GLY B 244 14.57 -0.86 -10.37
C GLY B 244 13.62 -0.80 -9.19
N THR B 245 12.84 -1.87 -8.98
CA THR B 245 11.94 -1.97 -7.84
C THR B 245 12.56 -2.87 -6.79
N PRO B 246 12.80 -2.40 -5.58
CA PRO B 246 13.46 -3.22 -4.56
C PRO B 246 12.49 -4.24 -3.98
N VAL B 247 13.05 -5.12 -3.15
CA VAL B 247 12.37 -6.35 -2.71
C VAL B 247 12.50 -6.50 -1.20
N LEU B 248 11.41 -6.93 -0.56
CA LEU B 248 11.44 -7.48 0.79
C LEU B 248 11.07 -8.95 0.70
N ALA B 249 11.91 -9.84 1.24
CA ALA B 249 11.77 -11.27 0.95
C ALA B 249 11.96 -12.09 2.21
N SER B 250 11.22 -13.19 2.28
CA SER B 250 11.45 -14.17 3.34
C SER B 250 12.87 -14.70 3.24
N ARG B 251 13.54 -14.88 4.39
CA ARG B 251 14.92 -15.35 4.36
C ARG B 251 14.88 -16.87 4.19
N VAL B 252 14.78 -17.31 2.94
CA VAL B 252 14.87 -18.72 2.59
C VAL B 252 15.90 -18.85 1.47
N PRO B 253 16.51 -20.04 1.32
CA PRO B 253 17.66 -20.13 0.40
C PRO B 253 17.38 -19.71 -1.03
N GLY B 254 16.23 -20.08 -1.60
CA GLY B 254 15.94 -19.70 -2.97
C GLY B 254 15.91 -18.19 -3.14
N ASN B 255 15.44 -17.48 -2.13
CA ASN B 255 15.45 -16.02 -2.15
C ASN B 255 16.84 -15.46 -1.89
N VAL B 256 17.56 -16.03 -0.92
CA VAL B 256 18.89 -15.53 -0.60
C VAL B 256 19.82 -15.69 -1.78
N GLY B 257 19.69 -16.82 -2.50
CA GLY B 257 20.50 -17.00 -3.70
C GLY B 257 20.22 -15.95 -4.74
N MET B 258 19.03 -15.35 -4.71
CA MET B 258 18.70 -14.35 -5.72
C MET B 258 19.22 -12.97 -5.30
N LEU B 259 19.07 -12.63 -4.03
CA LEU B 259 19.32 -11.26 -3.58
C LEU B 259 20.64 -11.06 -2.85
N GLY B 260 21.27 -12.12 -2.35
CA GLY B 260 22.59 -12.03 -1.76
C GLY B 260 22.59 -12.20 -0.24
N ASN B 261 23.67 -12.82 0.26
CA ASN B 261 23.85 -12.99 1.72
C ASN B 261 23.72 -11.69 2.47
N ASP B 262 24.25 -10.59 1.92
CA ASP B 262 24.34 -9.30 2.58
C ASP B 262 23.10 -8.43 2.39
N TYR B 263 22.04 -8.95 1.76
CA TYR B 263 20.89 -8.13 1.45
C TYR B 263 20.20 -7.67 2.74
N ALA B 264 19.80 -6.40 2.76
CA ALA B 264 19.20 -5.81 3.96
C ALA B 264 17.68 -5.93 3.99
N GLY B 265 17.07 -6.64 3.04
CA GLY B 265 15.62 -6.64 3.01
C GLY B 265 14.94 -7.94 3.36
N TYR B 266 15.52 -8.74 4.26
CA TYR B 266 14.93 -10.02 4.63
C TYR B 266 14.11 -9.90 5.91
N PHE B 267 13.05 -10.70 5.98
CA PHE B 267 12.36 -11.00 7.20
C PHE B 267 12.37 -12.51 7.40
N PRO B 268 12.37 -12.99 8.65
CA PRO B 268 12.33 -14.44 8.84
C PRO B 268 11.03 -15.03 8.28
N HIS B 269 11.13 -16.23 7.73
CA HIS B 269 9.94 -16.82 7.10
C HIS B 269 8.80 -16.93 8.11
N GLY B 270 7.59 -16.60 7.66
CA GLY B 270 6.41 -16.67 8.50
C GLY B 270 6.26 -15.55 9.52
N ASP B 271 7.09 -14.51 9.45
CA ASP B 271 7.13 -13.47 10.50
C ASP B 271 6.43 -12.20 9.98
N ALA B 272 5.12 -12.17 10.13
CA ALA B 272 4.35 -11.03 9.67
C ALA B 272 4.77 -9.74 10.36
N ALA B 273 5.08 -9.80 11.66
CA ALA B 273 5.45 -8.58 12.37
C ALA B 273 6.74 -8.00 11.80
N ALA B 274 7.72 -8.85 11.48
CA ALA B 274 8.95 -8.38 10.87
C ALA B 274 8.70 -7.77 9.49
N LEU B 275 7.81 -8.38 8.70
CA LEU B 275 7.50 -7.82 7.39
C LEU B 275 6.76 -6.50 7.54
N ALA B 276 5.81 -6.42 8.47
CA ALA B 276 5.11 -5.17 8.71
C ALA B 276 6.08 -4.08 9.15
N ALA B 277 7.05 -4.44 9.98
CA ALA B 277 8.06 -3.47 10.43
C ALA B 277 8.93 -2.99 9.27
N LEU B 278 9.30 -3.89 8.37
CA LEU B 278 10.07 -3.48 7.19
C LEU B 278 9.27 -2.52 6.32
N LEU B 279 7.98 -2.81 6.12
CA LEU B 279 7.14 -1.90 5.35
C LEU B 279 7.05 -0.54 6.04
N GLU B 280 6.88 -0.54 7.36
CA GLU B 280 6.85 0.70 8.13
C GLU B 280 8.15 1.49 7.97
N ALA B 281 9.29 0.79 8.05
CA ALA B 281 10.58 1.45 7.89
C ALA B 281 10.76 2.01 6.48
N CYS B 282 10.25 1.27 5.47
CA CYS B 282 10.28 1.74 4.09
C CYS B 282 9.47 3.03 3.95
N ARG B 283 8.24 3.02 4.45
CA ARG B 283 7.39 4.21 4.42
C ARG B 283 8.07 5.39 5.12
N ALA B 284 8.68 5.12 6.27
CA ALA B 284 9.24 6.18 7.11
C ALA B 284 10.40 6.90 6.43
N GLY B 285 11.11 6.23 5.53
CA GLY B 285 12.24 6.84 4.86
C GLY B 285 11.89 7.64 3.64
N GLN B 286 10.61 7.75 3.28
CA GLN B 286 10.21 8.32 2.00
C GLN B 286 10.25 9.84 1.93
N GLY B 287 10.33 10.52 3.07
CA GLY B 287 10.27 11.97 3.05
C GLY B 287 11.62 12.65 2.82
N ALA B 293 19.46 7.48 2.31
CA ALA B 293 19.50 7.16 3.73
C ALA B 293 18.24 6.42 4.19
N GLY B 294 17.18 6.43 3.37
CA GLY B 294 16.01 5.63 3.69
C GLY B 294 16.17 4.18 3.26
N LEU B 295 15.42 3.28 3.91
CA LEU B 295 15.60 1.85 3.64
C LEU B 295 15.36 1.52 2.17
N LEU B 296 14.33 2.11 1.56
CA LEU B 296 14.06 1.83 0.15
C LEU B 296 15.27 2.16 -0.72
N ASP B 297 15.97 3.27 -0.42
CA ASP B 297 17.13 3.66 -1.21
C ASP B 297 18.29 2.70 -1.02
N SER B 298 18.51 2.21 0.21
CA SER B 298 19.57 1.22 0.42
C SER B 298 19.25 -0.05 -0.34
N LEU B 299 17.99 -0.52 -0.25
CA LEU B 299 17.61 -1.73 -0.96
C LEU B 299 17.68 -1.54 -2.46
N ARG B 300 17.37 -0.33 -2.94
CA ARG B 300 17.50 -0.05 -4.37
C ARG B 300 18.95 -0.16 -4.82
N THR B 301 19.89 0.36 -4.02
CA THR B 301 21.31 0.23 -4.36
C THR B 301 21.72 -1.24 -4.44
N GLN B 302 21.32 -2.03 -3.44
CA GLN B 302 21.70 -3.44 -3.41
C GLN B 302 21.09 -4.22 -4.57
N CYS B 303 19.83 -3.94 -4.91
CA CYS B 303 19.21 -4.65 -6.03
C CYS B 303 19.91 -4.30 -7.35
N ALA B 304 20.31 -3.04 -7.52
CA ALA B 304 21.03 -2.65 -8.74
C ALA B 304 22.29 -3.47 -8.94
N LEU B 305 22.93 -3.88 -7.85
CA LEU B 305 24.10 -4.73 -7.98
C LEU B 305 23.73 -6.16 -8.34
N ARG B 306 22.51 -6.60 -8.03
CA ARG B 306 22.09 -7.94 -8.41
C ARG B 306 21.60 -8.01 -9.85
N ALA B 307 21.12 -6.89 -10.38
CA ALA B 307 20.44 -6.91 -11.69
C ALA B 307 21.26 -7.55 -12.81
N PRO B 308 22.58 -7.38 -12.90
CA PRO B 308 23.33 -8.06 -13.98
C PRO B 308 23.22 -9.58 -13.96
N LEU B 309 22.93 -10.20 -12.80
CA LEU B 309 22.75 -11.64 -12.74
C LEU B 309 21.64 -12.11 -13.67
N PHE B 310 20.69 -11.23 -13.96
CA PHE B 310 19.48 -11.60 -14.69
C PHE B 310 19.49 -11.08 -16.12
N ASP B 311 20.68 -10.91 -16.69
CA ASP B 311 20.81 -10.50 -18.09
C ASP B 311 20.62 -11.72 -19.00
N PRO B 312 19.75 -11.65 -20.00
CA PRO B 312 19.55 -12.83 -20.89
C PRO B 312 20.81 -13.21 -21.63
N ARG B 313 21.76 -12.29 -21.84
CA ARG B 313 22.99 -12.72 -22.48
C ARG B 313 23.79 -13.62 -21.56
N ALA B 314 23.71 -13.41 -20.24
CA ALA B 314 24.39 -14.29 -19.30
C ALA B 314 23.73 -15.67 -19.29
N GLU B 315 22.40 -15.72 -19.16
CA GLU B 315 21.69 -17.00 -19.13
C GLU B 315 21.96 -17.79 -20.41
N GLN B 316 21.93 -17.11 -21.56
CA GLN B 316 22.17 -17.79 -22.83
C GLN B 316 23.57 -18.41 -22.88
N ALA B 317 24.60 -17.65 -22.47
CA ALA B 317 25.94 -18.21 -22.41
C ALA B 317 25.99 -19.46 -21.54
N ALA B 318 25.34 -19.42 -20.37
CA ALA B 318 25.37 -20.59 -19.49
C ALA B 318 24.65 -21.77 -20.13
N LEU B 319 23.56 -21.50 -20.85
CA LEU B 319 22.82 -22.57 -21.51
C LEU B 319 23.61 -23.17 -22.68
N PHE B 320 24.34 -22.33 -23.41
CA PHE B 320 25.23 -22.83 -24.48
C PHE B 320 26.23 -23.83 -23.92
N GLN B 321 26.84 -23.50 -22.77
CA GLN B 321 27.79 -24.41 -22.13
C GLN B 321 27.10 -25.70 -21.67
N LEU B 322 25.91 -25.57 -21.07
CA LEU B 322 25.18 -26.76 -20.61
C LEU B 322 24.83 -27.68 -21.79
N LEU B 323 24.32 -27.10 -22.88
CA LEU B 323 24.02 -27.88 -24.08
C LEU B 323 25.26 -28.60 -24.61
N ASN B 324 26.41 -27.93 -24.60
CA ASN B 324 27.64 -28.55 -25.09
C ASN B 324 28.02 -29.74 -24.24
N GLU B 325 27.79 -29.65 -22.92
CA GLU B 325 28.10 -30.77 -22.04
C GLU B 325 27.14 -31.93 -22.26
N LEU B 326 25.89 -31.64 -22.64
CA LEU B 326 24.89 -32.70 -22.83
C LEU B 326 24.94 -33.32 -24.22
N GLN B 327 25.46 -32.61 -25.22
CA GLN B 327 25.72 -33.19 -26.54
C GLN B 327 26.70 -34.34 -26.37
N ASN C 3 -6.57 28.74 -45.98
CA ASN C 3 -6.64 27.69 -47.00
C ASN C 3 -6.78 26.28 -46.41
N PRO C 4 -5.93 25.88 -45.47
CA PRO C 4 -6.09 24.53 -44.91
C PRO C 4 -7.41 24.39 -44.16
N SER C 5 -7.92 23.15 -44.10
CA SER C 5 -9.08 22.81 -43.28
C SER C 5 -8.60 21.93 -42.14
N LEU C 6 -8.57 22.49 -40.94
CA LEU C 6 -7.97 21.88 -39.77
C LEU C 6 -9.05 21.21 -38.94
N VAL C 7 -8.81 19.97 -38.53
CA VAL C 7 -9.69 19.30 -37.60
C VAL C 7 -8.92 19.02 -36.33
N ILE C 8 -9.45 19.50 -35.21
CA ILE C 8 -8.88 19.25 -33.89
C ILE C 8 -9.69 18.17 -33.21
N VAL C 9 -9.04 17.08 -32.80
CA VAL C 9 -9.71 15.95 -32.14
C VAL C 9 -9.46 16.06 -30.64
N SER C 10 -10.52 16.27 -29.85
CA SER C 10 -10.38 16.34 -28.41
C SER C 10 -11.35 15.36 -27.78
N PRO C 11 -10.88 14.48 -26.88
CA PRO C 11 -11.81 13.49 -26.29
C PRO C 11 -12.76 14.09 -25.27
N ALA C 12 -12.47 15.29 -24.74
CA ALA C 12 -13.29 15.95 -23.72
C ALA C 12 -14.80 15.91 -24.00
N GLY C 19 -9.71 21.24 -19.36
CA GLY C 19 -8.35 21.07 -19.83
C GLY C 19 -8.24 20.80 -21.31
N ASN C 20 -8.56 19.56 -21.73
CA ASN C 20 -8.45 19.21 -23.14
C ASN C 20 -9.48 19.94 -23.99
N TRP C 21 -10.64 20.24 -23.42
CA TRP C 21 -11.62 21.03 -24.16
C TRP C 21 -11.15 22.47 -24.33
N ARG C 22 -10.64 23.07 -23.24
CA ARG C 22 -10.11 24.44 -23.29
C ARG C 22 -9.04 24.59 -24.37
N THR C 23 -8.07 23.66 -24.41
CA THR C 23 -7.01 23.75 -25.40
C THR C 23 -7.57 23.76 -26.82
N ALA C 24 -8.42 22.77 -27.13
CA ALA C 24 -9.00 22.64 -28.46
C ALA C 24 -9.73 23.91 -28.88
N GLN C 25 -10.53 24.49 -27.98
CA GLN C 25 -11.28 25.68 -28.36
C GLN C 25 -10.36 26.89 -28.47
N ARG C 26 -9.35 26.98 -27.60
CA ARG C 26 -8.40 28.08 -27.74
C ARG C 26 -7.63 27.97 -29.05
N TRP C 27 -7.14 26.76 -29.36
CA TRP C 27 -6.40 26.57 -30.61
C TRP C 27 -7.25 26.89 -31.82
N LYS C 28 -8.54 26.50 -31.80
CA LYS C 28 -9.46 26.86 -32.88
C LYS C 28 -9.56 28.38 -33.04
N ALA C 29 -9.71 29.10 -31.92
CA ALA C 29 -9.76 30.56 -31.99
C ALA C 29 -8.48 31.14 -32.56
N LEU C 30 -7.33 30.64 -32.09
CA LEU C 30 -6.06 31.25 -32.49
C LEU C 30 -5.72 30.96 -33.94
N LEU C 31 -6.18 29.82 -34.46
CA LEU C 31 -5.83 29.41 -35.82
C LEU C 31 -6.85 29.86 -36.85
N SER C 32 -8.01 30.37 -36.42
CA SER C 32 -9.04 30.78 -37.36
C SER C 32 -8.62 31.88 -38.35
N PRO C 33 -7.66 32.77 -38.05
CA PRO C 33 -7.28 33.76 -39.07
C PRO C 33 -6.66 33.17 -40.31
N VAL C 34 -6.07 31.97 -40.23
CA VAL C 34 -5.29 31.41 -41.34
C VAL C 34 -5.83 30.06 -41.83
N CYS C 35 -6.97 29.60 -41.31
CA CYS C 35 -7.52 28.31 -41.77
C CYS C 35 -8.95 28.17 -41.27
N SER C 36 -9.67 27.24 -41.88
CA SER C 36 -10.96 26.79 -41.35
C SER C 36 -10.71 25.71 -40.29
N ALA C 37 -11.14 25.95 -39.06
CA ALA C 37 -10.87 25.01 -37.97
C ALA C 37 -12.16 24.53 -37.32
N ARG C 38 -12.19 23.25 -36.94
CA ARG C 38 -13.32 22.69 -36.22
C ARG C 38 -12.81 21.68 -35.20
N VAL C 39 -13.59 21.49 -34.15
CA VAL C 39 -13.27 20.54 -33.08
C VAL C 39 -14.28 19.41 -33.15
N VAL C 40 -13.79 18.17 -33.08
CA VAL C 40 -14.63 16.98 -33.05
C VAL C 40 -14.16 16.12 -31.90
N GLN C 41 -15.03 15.20 -31.50
CA GLN C 41 -14.63 14.19 -30.51
C GLN C 41 -14.00 12.97 -31.17
N GLN C 42 -14.34 12.67 -32.41
CA GLN C 42 -13.79 11.51 -33.11
C GLN C 42 -13.79 11.77 -34.61
N TRP C 43 -12.93 11.07 -35.31
CA TRP C 43 -12.73 11.25 -36.74
C TRP C 43 -12.61 9.86 -37.38
N PRO C 44 -13.27 9.64 -38.53
CA PRO C 44 -14.00 10.61 -39.35
C PRO C 44 -15.46 10.85 -38.97
N ASP C 45 -16.05 11.85 -39.61
CA ASP C 45 -17.49 12.09 -39.56
C ASP C 45 -17.92 12.48 -40.96
N ALA C 46 -19.13 13.05 -41.06
CA ALA C 46 -19.72 13.36 -42.36
C ALA C 46 -18.92 14.40 -43.11
N ASP C 47 -18.19 15.27 -42.39
CA ASP C 47 -17.45 16.38 -42.98
C ASP C 47 -15.96 16.07 -43.17
N ALA C 48 -15.54 14.82 -42.97
CA ALA C 48 -14.11 14.54 -42.86
C ALA C 48 -13.36 14.64 -44.18
N SER C 49 -14.06 14.44 -45.30
CA SER C 49 -13.42 14.48 -46.62
C SER C 49 -12.76 15.81 -46.92
N ALA C 50 -13.23 16.91 -46.32
CA ALA C 50 -12.68 18.23 -46.60
C ALA C 50 -11.51 18.62 -45.70
N ASP C 51 -11.22 17.84 -44.65
CA ASP C 51 -10.12 18.15 -43.74
C ASP C 51 -8.77 17.88 -44.41
N THR C 52 -7.82 18.79 -44.20
CA THR C 52 -6.47 18.58 -44.72
C THR C 52 -5.38 18.48 -43.65
N VAL C 53 -5.65 18.88 -42.41
CA VAL C 53 -4.68 18.75 -41.31
C VAL C 53 -5.44 18.25 -40.08
N MET C 54 -4.84 17.35 -39.30
CA MET C 54 -5.45 17.06 -38.00
C MET C 54 -4.47 17.28 -36.86
N LEU C 55 -4.95 17.94 -35.82
CA LEU C 55 -4.28 17.99 -34.52
C LEU C 55 -5.13 17.19 -33.54
N ALA C 56 -4.58 16.09 -33.04
CA ALA C 56 -5.31 15.20 -32.14
C ALA C 56 -4.71 15.26 -30.75
N LEU C 57 -5.56 15.52 -29.75
CA LEU C 57 -5.14 15.62 -28.36
C LEU C 57 -5.21 14.27 -27.65
N HIS C 58 -4.07 13.87 -27.08
CA HIS C 58 -3.84 12.68 -26.27
C HIS C 58 -3.57 11.46 -27.15
N ALA C 59 -2.35 10.95 -27.07
CA ALA C 59 -1.90 9.89 -27.96
C ALA C 59 -2.68 8.58 -27.76
N ARG C 60 -3.25 8.35 -26.58
CA ARG C 60 -4.04 7.15 -26.30
C ARG C 60 -5.53 7.38 -26.47
N ARG C 61 -6.09 8.40 -25.82
CA ARG C 61 -7.53 8.65 -25.91
C ARG C 61 -7.99 8.90 -27.33
N SER C 62 -7.16 9.54 -28.17
CA SER C 62 -7.53 9.80 -29.56
C SER C 62 -6.94 8.79 -30.52
N ALA C 63 -6.36 7.70 -30.02
CA ALA C 63 -5.57 6.81 -30.85
C ALA C 63 -6.38 6.27 -32.03
N GLU C 64 -7.67 6.05 -31.82
CA GLU C 64 -8.51 5.49 -32.89
C GLU C 64 -8.65 6.48 -34.04
N SER C 65 -8.96 7.75 -33.72
CA SER C 65 -9.05 8.80 -34.74
C SER C 65 -7.70 9.07 -35.38
N ILE C 66 -6.64 9.00 -34.58
CA ILE C 66 -5.30 9.19 -35.10
C ILE C 66 -4.97 8.12 -36.13
N ALA C 67 -5.30 6.86 -35.81
CA ALA C 67 -5.09 5.77 -36.77
C ALA C 67 -5.91 5.98 -38.03
N HIS C 68 -7.19 6.38 -37.89
CA HIS C 68 -8.04 6.61 -39.06
C HIS C 68 -7.42 7.64 -39.99
N TRP C 69 -6.90 8.74 -39.41
CA TRP C 69 -6.28 9.79 -40.22
C TRP C 69 -5.02 9.28 -40.88
N ALA C 70 -4.17 8.60 -40.12
CA ALA C 70 -2.90 8.11 -40.65
C ALA C 70 -3.12 7.08 -41.74
N HIS C 71 -4.17 6.25 -41.62
CA HIS C 71 -4.45 5.26 -42.66
C HIS C 71 -5.05 5.94 -43.89
N ALA C 72 -5.79 7.04 -43.71
CA ALA C 72 -6.35 7.78 -44.84
C ALA C 72 -5.34 8.70 -45.50
N HIS C 73 -4.34 9.20 -44.75
CA HIS C 73 -3.37 10.16 -45.29
C HIS C 73 -1.97 9.80 -44.82
N PRO C 74 -1.45 8.64 -45.24
CA PRO C 74 -0.16 8.19 -44.73
C PRO C 74 0.97 9.17 -45.07
N GLY C 75 1.75 9.53 -44.05
CA GLY C 75 2.85 10.44 -44.19
C GLY C 75 2.51 11.91 -44.22
N ARG C 76 1.23 12.30 -44.15
CA ARG C 76 0.86 13.71 -44.33
C ARG C 76 -0.17 14.19 -43.31
N GLY C 77 0.04 15.42 -42.80
CA GLY C 77 -0.99 16.22 -42.18
C GLY C 77 -1.32 15.97 -40.72
N LEU C 78 -0.60 15.07 -40.03
CA LEU C 78 -0.99 14.62 -38.69
C LEU C 78 -0.05 15.15 -37.61
N GLY C 79 -0.59 15.97 -36.71
CA GLY C 79 0.07 16.33 -35.46
C GLY C 79 -0.63 15.66 -34.29
N VAL C 80 0.16 14.96 -33.47
CA VAL C 80 -0.35 14.36 -32.23
C VAL C 80 0.15 15.17 -31.05
N VAL C 81 -0.79 15.64 -30.23
CA VAL C 81 -0.50 16.50 -29.08
C VAL C 81 -0.43 15.65 -27.83
N LEU C 82 0.72 15.67 -27.16
CA LEU C 82 0.92 14.96 -25.90
C LEU C 82 0.44 15.86 -24.75
N THR C 83 -0.70 15.52 -24.18
CA THR C 83 -1.33 16.38 -23.19
C THR C 83 -0.91 16.06 -21.76
N GLY C 84 -0.26 14.93 -21.53
CA GLY C 84 0.27 14.65 -20.20
C GLY C 84 0.32 13.19 -19.81
N THR C 85 -0.85 12.61 -19.52
CA THR C 85 -0.87 11.22 -19.08
C THR C 85 -0.48 10.26 -20.18
N ASP C 86 -0.60 10.66 -21.45
CA ASP C 86 -0.02 9.86 -22.51
C ASP C 86 1.50 9.87 -22.42
N LEU C 87 2.10 11.06 -22.28
CA LEU C 87 3.55 11.19 -22.37
C LEU C 87 4.25 10.63 -21.12
N TYR C 88 3.71 10.88 -19.94
CA TYR C 88 4.37 10.48 -18.70
C TYR C 88 3.75 9.24 -18.09
N GLN C 89 3.05 8.44 -18.88
CA GLN C 89 2.45 7.18 -18.42
C GLN C 89 2.15 6.24 -19.58
N ASP C 90 1.18 6.59 -20.42
CA ASP C 90 0.62 5.63 -21.37
C ASP C 90 1.66 5.17 -22.39
N ILE C 91 2.51 6.07 -22.88
CA ILE C 91 3.45 5.66 -23.94
C ILE C 91 4.54 4.72 -23.45
N GLY C 92 4.74 4.61 -22.13
CA GLY C 92 5.70 3.64 -21.63
C GLY C 92 5.36 2.21 -22.02
N SER C 93 4.06 1.88 -22.06
CA SER C 93 3.69 0.50 -22.35
C SER C 93 2.33 0.34 -23.00
N ASP C 94 1.76 1.38 -23.60
CA ASP C 94 0.47 1.22 -24.24
C ASP C 94 0.66 1.17 -25.75
N PRO C 95 0.24 0.09 -26.42
CA PRO C 95 0.51 -0.03 -27.85
C PRO C 95 -0.20 1.02 -28.68
N GLN C 96 -1.40 1.46 -28.27
CA GLN C 96 -2.11 2.49 -29.02
C GLN C 96 -1.38 3.83 -28.94
N ALA C 97 -0.94 4.23 -27.74
CA ALA C 97 -0.17 5.47 -27.62
C ALA C 97 1.12 5.39 -28.40
N GLN C 98 1.82 4.24 -28.31
CA GLN C 98 3.05 4.04 -29.07
C GLN C 98 2.82 4.13 -30.56
N ARG C 99 1.71 3.56 -31.06
CA ARG C 99 1.40 3.66 -32.49
C ARG C 99 1.12 5.09 -32.91
N SER C 100 0.38 5.85 -32.09
CA SER C 100 0.14 7.25 -32.41
C SER C 100 1.44 8.03 -32.59
N LEU C 101 2.48 7.71 -31.78
CA LEU C 101 3.77 8.39 -31.92
C LEU C 101 4.44 8.03 -33.24
N GLN C 102 4.33 6.75 -33.65
CA GLN C 102 4.90 6.31 -34.91
C GLN C 102 4.23 7.00 -36.09
N LEU C 103 2.90 7.12 -36.06
CA LEU C 103 2.13 7.57 -37.22
C LEU C 103 2.21 9.08 -37.45
N ALA C 104 2.45 9.85 -36.40
CA ALA C 104 2.36 11.30 -36.51
C ALA C 104 3.47 11.89 -37.39
N GLN C 105 3.15 12.95 -38.11
CA GLN C 105 4.18 13.74 -38.78
C GLN C 105 4.86 14.70 -37.79
N ARG C 106 4.11 15.22 -36.81
CA ARG C 106 4.72 16.04 -35.76
C ARG C 106 4.16 15.64 -34.40
N LEU C 107 5.01 15.70 -33.37
CA LEU C 107 4.59 15.45 -32.00
C LEU C 107 4.68 16.78 -31.24
N VAL C 108 3.55 17.23 -30.70
CA VAL C 108 3.51 18.49 -29.96
C VAL C 108 3.60 18.18 -28.47
N VAL C 109 4.58 18.79 -27.81
CA VAL C 109 4.63 18.79 -26.36
C VAL C 109 4.42 20.21 -25.89
N LEU C 110 3.92 20.36 -24.67
CA LEU C 110 3.38 21.62 -24.16
C LEU C 110 4.34 22.37 -23.24
N GLN C 111 5.56 21.87 -23.07
CA GLN C 111 6.61 22.61 -22.39
C GLN C 111 7.93 21.99 -22.82
N ALA C 112 9.02 22.70 -22.49
CA ALA C 112 10.35 22.45 -23.05
C ALA C 112 10.92 21.08 -22.72
N LEU C 113 10.50 20.45 -21.64
CA LEU C 113 11.11 19.19 -21.24
C LEU C 113 10.40 17.98 -21.84
N GLY C 114 9.29 18.19 -22.57
CA GLY C 114 8.46 17.07 -23.02
C GLY C 114 9.20 16.08 -23.92
N ALA C 115 10.04 16.57 -24.82
CA ALA C 115 10.74 15.70 -25.76
C ALA C 115 11.67 14.72 -25.05
N GLU C 116 12.15 15.06 -23.84
CA GLU C 116 12.99 14.12 -23.09
C GLU C 116 12.26 12.85 -22.72
N ALA C 117 10.92 12.88 -22.67
CA ALA C 117 10.14 11.70 -22.33
C ALA C 117 9.78 10.87 -23.56
N LEU C 118 10.06 11.37 -24.75
CA LEU C 118 9.79 10.63 -25.98
C LEU C 118 10.97 9.71 -26.26
N PRO C 119 10.76 8.61 -26.98
CA PRO C 119 11.90 7.82 -27.44
C PRO C 119 12.78 8.65 -28.35
N PRO C 120 14.10 8.44 -28.31
CA PRO C 120 14.99 9.31 -29.10
C PRO C 120 14.64 9.38 -30.57
N GLU C 121 14.09 8.32 -31.17
CA GLU C 121 13.79 8.35 -32.59
C GLU C 121 12.55 9.19 -32.92
N CYS C 122 11.79 9.61 -31.91
CA CYS C 122 10.66 10.49 -32.10
C CYS C 122 10.99 11.95 -31.84
N ARG C 123 12.19 12.25 -31.38
CA ARG C 123 12.48 13.61 -30.95
C ARG C 123 12.65 14.57 -32.12
N ALA C 124 13.13 14.09 -33.27
CA ALA C 124 13.33 15.00 -34.40
C ALA C 124 12.02 15.60 -34.88
N LYS C 125 10.89 14.92 -34.70
CA LYS C 125 9.62 15.48 -35.15
C LYS C 125 8.82 16.13 -34.02
N ALA C 126 9.42 16.26 -32.84
CA ALA C 126 8.75 16.87 -31.69
C ALA C 126 8.85 18.39 -31.76
N ARG C 127 7.74 19.07 -31.40
CA ARG C 127 7.61 20.52 -31.50
C ARG C 127 7.01 21.03 -30.21
N VAL C 128 7.62 22.04 -29.61
CA VAL C 128 7.12 22.57 -28.35
C VAL C 128 6.13 23.69 -28.66
N VAL C 129 4.96 23.61 -28.02
CA VAL C 129 4.00 24.72 -28.04
C VAL C 129 3.58 24.96 -26.60
N TYR C 130 4.15 26.00 -25.96
CA TYR C 130 3.66 26.44 -24.67
C TYR C 130 2.23 26.97 -24.80
N GLN C 131 1.38 26.61 -23.85
CA GLN C 131 0.01 27.10 -23.92
C GLN C 131 -0.04 28.55 -23.47
N SER C 132 -1.21 29.16 -23.56
CA SER C 132 -1.36 30.55 -23.19
C SER C 132 -2.69 30.76 -22.51
N THR C 133 -2.81 31.90 -21.84
CA THR C 133 -4.02 32.27 -21.14
C THR C 133 -4.07 33.79 -21.07
N SER C 134 -5.27 34.33 -20.85
CA SER C 134 -5.40 35.77 -20.65
C SER C 134 -4.83 36.14 -19.29
N ALA C 135 -4.37 37.38 -19.19
CA ALA C 135 -3.81 37.90 -17.95
C ALA C 135 -4.90 38.48 -17.07
N ARG C 136 -4.63 38.51 -15.76
CA ARG C 136 -5.38 39.30 -14.80
C ARG C 136 -4.39 40.23 -14.10
N ALA C 137 -4.82 41.45 -13.77
CA ALA C 137 -3.93 42.36 -13.07
C ALA C 137 -3.51 41.76 -11.73
N GLU C 138 -2.25 41.95 -11.38
CA GLU C 138 -1.74 41.45 -10.10
C GLU C 138 -2.30 42.30 -8.98
N LEU C 139 -2.85 41.66 -7.97
CA LEU C 139 -3.47 42.36 -6.84
C LEU C 139 -2.48 42.52 -5.70
N PRO C 140 -2.41 43.70 -5.07
CA PRO C 140 -1.71 43.79 -3.78
C PRO C 140 -2.45 42.93 -2.77
N LYS C 141 -1.69 42.25 -1.91
CA LYS C 141 -2.28 41.33 -0.94
C LYS C 141 -1.85 41.70 0.47
N SER C 142 -2.58 41.17 1.45
CA SER C 142 -2.35 41.46 2.86
C SER C 142 -1.37 40.45 3.48
N ALA C 143 -0.70 40.89 4.54
CA ALA C 143 0.22 40.01 5.27
C ALA C 143 -0.42 39.39 6.51
N ARG C 144 -1.72 39.55 6.72
CA ARG C 144 -2.29 39.05 7.97
C ARG C 144 -2.48 37.53 7.99
N GLN C 145 -2.58 36.91 6.83
CA GLN C 145 -2.87 35.49 6.74
C GLN C 145 -2.31 35.03 5.39
N LEU C 146 -1.91 33.76 5.32
CA LEU C 146 -1.51 33.15 4.05
C LEU C 146 -2.71 32.47 3.44
N ARG C 147 -3.09 32.89 2.23
CA ARG C 147 -4.23 32.33 1.52
C ARG C 147 -3.68 31.51 0.35
N ALA C 148 -3.81 30.19 0.43
CA ALA C 148 -3.37 29.30 -0.64
C ALA C 148 -4.60 28.73 -1.35
N VAL C 149 -4.41 28.34 -2.61
CA VAL C 149 -5.49 27.71 -3.37
C VAL C 149 -4.89 26.59 -4.22
N MET C 150 -5.68 25.54 -4.42
CA MET C 150 -5.35 24.52 -5.39
C MET C 150 -6.60 24.24 -6.22
N VAL C 151 -6.42 24.07 -7.52
CA VAL C 151 -7.53 23.95 -8.46
C VAL C 151 -7.35 22.66 -9.25
N GLY C 152 -8.37 21.83 -9.24
CA GLY C 152 -8.37 20.60 -9.99
C GLY C 152 -9.45 19.68 -9.48
N HIS C 153 -10.20 19.07 -10.38
CA HIS C 153 -11.17 18.07 -9.98
C HIS C 153 -10.47 16.94 -9.22
N LEU C 154 -11.18 16.36 -8.25
CA LEU C 154 -10.61 15.35 -7.36
C LEU C 154 -10.44 14.01 -8.10
N ARG C 155 -9.39 13.95 -8.92
CA ARG C 155 -9.00 12.75 -9.63
C ARG C 155 -7.57 12.38 -9.21
N GLN C 156 -7.27 11.07 -9.27
CA GLN C 156 -6.01 10.58 -8.72
C GLN C 156 -4.80 11.19 -9.42
N VAL C 157 -4.95 11.58 -10.69
CA VAL C 157 -3.81 12.11 -11.45
C VAL C 157 -3.34 13.44 -10.86
N LYS C 158 -4.28 14.23 -10.34
CA LYS C 158 -4.00 15.51 -9.68
C LYS C 158 -3.32 15.34 -8.33
N SER C 159 -3.27 14.11 -7.80
CA SER C 159 -2.73 13.83 -6.47
C SER C 159 -3.27 14.76 -5.39
N PRO C 160 -4.59 14.87 -5.25
CA PRO C 160 -5.13 15.77 -4.22
C PRO C 160 -4.76 15.34 -2.81
N GLN C 161 -4.44 14.05 -2.60
CA GLN C 161 -4.07 13.57 -1.26
C GLN C 161 -2.79 14.21 -0.76
N THR C 162 -1.88 14.60 -1.66
CA THR C 162 -0.72 15.35 -1.20
C THR C 162 -1.15 16.66 -0.52
N LEU C 163 -2.14 17.35 -1.08
CA LEU C 163 -2.64 18.56 -0.43
C LEU C 163 -3.34 18.22 0.89
N PHE C 164 -4.22 17.20 0.87
CA PHE C 164 -4.89 16.79 2.10
C PHE C 164 -3.90 16.57 3.23
N ASP C 165 -2.81 15.83 2.93
CA ASP C 165 -1.82 15.48 3.94
C ASP C 165 -1.08 16.72 4.44
N ALA C 166 -0.72 17.61 3.51
CA ALA C 166 -0.04 18.85 3.89
C ALA C 166 -0.95 19.74 4.74
N ALA C 167 -2.21 19.87 4.35
CA ALA C 167 -3.16 20.64 5.15
C ALA C 167 -3.29 20.06 6.55
N ARG C 168 -3.35 18.72 6.66
CA ARG C 168 -3.39 18.06 7.96
C ARG C 168 -2.15 18.40 8.80
N LEU C 169 -0.97 18.42 8.17
CA LEU C 169 0.24 18.79 8.89
C LEU C 169 0.13 20.20 9.45
N LEU C 170 -0.67 21.05 8.81
CA LEU C 170 -0.89 22.43 9.24
C LEU C 170 -2.21 22.61 9.97
N CYS C 171 -2.85 21.52 10.39
CA CYS C 171 -4.12 21.61 11.09
C CYS C 171 -4.01 22.55 12.29
N GLY C 172 -4.99 23.42 12.45
CA GLY C 172 -4.93 24.38 13.54
C GLY C 172 -3.92 25.50 13.40
N ARG C 173 -3.27 25.66 12.24
CA ARG C 173 -2.58 26.92 11.96
C ARG C 173 -3.65 27.90 11.50
N GLU C 174 -4.00 28.85 12.37
CA GLU C 174 -5.07 29.77 12.05
C GLU C 174 -4.62 30.88 11.10
N ASP C 175 -3.32 31.01 10.87
CA ASP C 175 -2.78 32.02 9.98
C ASP C 175 -2.57 31.51 8.56
N ILE C 176 -3.00 30.29 8.25
CA ILE C 176 -2.84 29.70 6.93
C ILE C 176 -4.17 29.09 6.52
N ARG C 177 -4.65 29.46 5.35
CA ARG C 177 -5.88 28.95 4.79
C ARG C 177 -5.59 28.34 3.43
N ILE C 178 -6.20 27.18 3.18
CA ILE C 178 -6.02 26.43 1.95
C ILE C 178 -7.40 26.21 1.37
N ASP C 179 -7.67 26.81 0.21
CA ASP C 179 -8.91 26.62 -0.51
C ASP C 179 -8.68 25.64 -1.65
N HIS C 180 -9.60 24.70 -1.82
CA HIS C 180 -9.45 23.64 -2.81
C HIS C 180 -10.65 23.70 -3.75
N ILE C 181 -10.40 23.99 -5.02
CA ILE C 181 -11.46 24.20 -6.01
C ILE C 181 -11.47 23.00 -6.94
N GLY C 182 -12.61 22.34 -7.04
CA GLY C 182 -12.73 21.21 -7.94
C GLY C 182 -13.90 20.31 -7.61
N ASP C 183 -14.46 19.65 -8.61
CA ASP C 183 -15.60 18.80 -8.36
C ASP C 183 -15.15 17.44 -7.80
N ALA C 184 -16.09 16.74 -7.17
CA ALA C 184 -15.83 15.38 -6.77
C ALA C 184 -15.48 14.54 -8.01
N GLY C 185 -14.67 13.51 -7.80
CA GLY C 185 -14.30 12.65 -8.90
C GLY C 185 -14.08 11.22 -8.45
N ASP C 186 -12.81 10.82 -8.37
CA ASP C 186 -12.47 9.45 -8.04
C ASP C 186 -13.07 9.06 -6.70
N ALA C 187 -13.35 7.76 -6.56
CA ALA C 187 -14.28 7.30 -5.54
C ALA C 187 -13.77 7.64 -4.14
N GLY C 188 -14.62 8.33 -3.38
CA GLY C 188 -14.31 8.66 -2.00
C GLY C 188 -13.33 9.79 -1.80
N LEU C 189 -12.72 10.34 -2.86
CA LEU C 189 -11.83 11.47 -2.66
C LEU C 189 -12.58 12.65 -2.06
N GLY C 190 -13.83 12.86 -2.48
CA GLY C 190 -14.67 13.86 -1.84
C GLY C 190 -14.91 13.57 -0.38
N GLU C 191 -14.88 12.30 -0.01
CA GLU C 191 -15.04 11.92 1.39
C GLU C 191 -13.86 12.41 2.23
N LEU C 192 -12.63 12.22 1.73
CA LEU C 192 -11.48 12.70 2.51
C LEU C 192 -11.47 14.22 2.62
N ALA C 193 -11.86 14.91 1.54
CA ALA C 193 -11.93 16.38 1.58
C ALA C 193 -12.89 16.85 2.66
N ARG C 194 -14.08 16.26 2.70
CA ARG C 194 -15.10 16.70 3.65
C ARG C 194 -14.67 16.44 5.09
N ALA C 195 -14.03 15.30 5.34
CA ALA C 195 -13.54 14.98 6.68
C ALA C 195 -12.39 15.91 7.08
N LEU C 196 -11.51 16.24 6.13
CA LEU C 196 -10.43 17.16 6.46
C LEU C 196 -10.96 18.55 6.75
N ALA C 197 -11.90 19.03 5.93
CA ALA C 197 -12.53 20.32 6.21
C ALA C 197 -13.18 20.33 7.59
N SER C 198 -13.74 19.19 8.02
CA SER C 198 -14.36 19.16 9.34
C SER C 198 -13.32 19.21 10.45
N ASP C 199 -12.21 18.49 10.29
CA ASP C 199 -11.17 18.46 11.31
C ASP C 199 -10.30 19.69 11.31
N CYS C 200 -10.07 20.29 10.14
CA CYS C 200 -9.07 21.34 9.99
C CYS C 200 -9.75 22.53 9.34
N PRO C 201 -10.19 23.52 10.12
CA PRO C 201 -10.99 24.62 9.55
C PRO C 201 -10.24 25.50 8.56
N GLY C 202 -8.92 25.56 8.62
CA GLY C 202 -8.16 26.27 7.60
C GLY C 202 -8.24 25.64 6.22
N TYR C 203 -8.76 24.43 6.09
CA TYR C 203 -8.89 23.79 4.79
C TYR C 203 -10.35 23.85 4.39
N ARG C 204 -10.64 24.34 3.19
CA ARG C 204 -12.00 24.36 2.67
C ARG C 204 -12.03 23.77 1.28
N TRP C 205 -12.87 22.76 1.09
CA TRP C 205 -13.19 22.25 -0.24
C TRP C 205 -14.39 23.04 -0.78
N LEU C 206 -14.13 23.88 -1.78
CA LEU C 206 -15.16 24.75 -2.32
C LEU C 206 -15.98 24.09 -3.43
N GLY C 207 -15.62 22.87 -3.84
CA GLY C 207 -16.28 22.23 -4.95
C GLY C 207 -15.89 22.86 -6.28
N ALA C 208 -16.64 22.47 -7.30
CA ALA C 208 -16.42 23.00 -8.64
C ALA C 208 -16.98 24.42 -8.73
N LEU C 209 -16.23 25.30 -9.37
CA LEU C 209 -16.67 26.67 -9.56
C LEU C 209 -16.57 27.01 -11.04
N PRO C 210 -17.40 27.94 -11.51
CA PRO C 210 -17.27 28.40 -12.89
C PRO C 210 -15.89 29.00 -13.13
N HIS C 211 -15.42 28.89 -14.38
CA HIS C 211 -14.05 29.28 -14.68
C HIS C 211 -13.77 30.72 -14.28
N ALA C 212 -14.74 31.63 -14.48
CA ALA C 212 -14.51 33.04 -14.18
C ALA C 212 -14.21 33.25 -12.71
N GLN C 213 -14.95 32.58 -11.83
CA GLN C 213 -14.71 32.74 -10.40
C GLN C 213 -13.47 31.97 -9.96
N THR C 214 -13.11 30.91 -10.68
CA THR C 214 -11.86 30.22 -10.36
C THR C 214 -10.67 31.12 -10.67
N ARG C 215 -10.71 31.83 -11.81
CA ARG C 215 -9.64 32.75 -12.12
C ARG C 215 -9.53 33.85 -11.09
N GLN C 216 -10.67 34.35 -10.62
CA GLN C 216 -10.68 35.38 -9.57
C GLN C 216 -10.03 34.88 -8.29
N ARG C 217 -10.35 33.67 -7.85
CA ARG C 217 -9.76 33.13 -6.62
C ARG C 217 -8.27 32.87 -6.77
N ILE C 218 -7.84 32.39 -7.95
CA ILE C 218 -6.40 32.27 -8.19
C ILE C 218 -5.72 33.65 -8.11
N GLN C 219 -6.32 34.65 -8.73
CA GLN C 219 -5.78 36.01 -8.69
C GLN C 219 -5.71 36.53 -7.26
N ARG C 220 -6.71 36.19 -6.43
CA ARG C 220 -6.78 36.67 -5.05
C ARG C 220 -5.81 35.95 -4.12
N ALA C 221 -5.57 34.67 -4.36
CA ALA C 221 -4.72 33.86 -3.48
C ALA C 221 -3.30 34.40 -3.43
N HIS C 222 -2.63 34.20 -2.27
CA HIS C 222 -1.21 34.49 -2.17
C HIS C 222 -0.36 33.53 -2.99
N VAL C 223 -0.81 32.28 -3.11
CA VAL C 223 -0.02 31.24 -3.77
C VAL C 223 -0.97 30.16 -4.26
N LEU C 224 -0.67 29.64 -5.44
CA LEU C 224 -1.34 28.48 -5.99
C LEU C 224 -0.51 27.23 -5.72
N VAL C 225 -1.15 26.18 -5.20
CA VAL C 225 -0.48 24.90 -4.98
C VAL C 225 -0.96 23.93 -6.05
N HIS C 226 -0.01 23.18 -6.63
CA HIS C 226 -0.33 22.18 -7.65
C HIS C 226 0.52 20.94 -7.41
N THR C 227 -0.12 19.83 -7.07
CA THR C 227 0.58 18.65 -6.60
C THR C 227 0.66 17.54 -7.64
N SER C 228 0.17 17.79 -8.86
CA SER C 228 0.01 16.75 -9.87
C SER C 228 1.32 16.02 -10.15
N ALA C 229 1.19 14.74 -10.51
CA ALA C 229 2.32 13.90 -10.91
C ALA C 229 2.54 13.93 -12.42
N LEU C 230 1.48 14.01 -13.21
CA LEU C 230 1.55 13.89 -14.67
C LEU C 230 0.82 15.08 -15.27
N GLU C 231 1.52 16.18 -15.42
CA GLU C 231 1.01 17.33 -16.15
C GLU C 231 1.67 17.39 -17.50
N GLY C 232 0.88 17.61 -18.55
CA GLY C 232 1.47 18.05 -19.80
C GLY C 232 2.01 19.47 -19.71
N GLY C 233 1.33 20.31 -18.94
CA GLY C 233 1.56 21.75 -18.82
C GLY C 233 0.27 22.39 -18.32
N ALA C 234 0.11 22.47 -17.00
CA ALA C 234 -1.20 22.70 -16.41
C ALA C 234 -1.70 24.12 -16.66
N HIS C 235 -2.98 24.21 -17.03
CA HIS C 235 -3.60 25.51 -17.24
C HIS C 235 -3.55 26.36 -15.98
N VAL C 236 -3.77 25.76 -14.81
CA VAL C 236 -3.91 26.55 -13.58
C VAL C 236 -2.59 27.21 -13.21
N ILE C 237 -1.45 26.59 -13.54
CA ILE C 237 -0.16 27.23 -13.31
C ILE C 237 -0.03 28.47 -14.18
N MET C 238 -0.36 28.35 -15.48
CA MET C 238 -0.49 29.48 -16.40
C MET C 238 -1.31 30.59 -15.78
N GLU C 239 -2.51 30.23 -15.35
CA GLU C 239 -3.46 31.22 -14.86
C GLU C 239 -2.89 31.95 -13.64
N ALA C 240 -2.24 31.22 -12.73
CA ALA C 240 -1.62 31.88 -11.57
C ALA C 240 -0.51 32.83 -12.01
N VAL C 241 0.42 32.32 -12.81
CA VAL C 241 1.57 33.12 -13.24
C VAL C 241 1.11 34.38 -13.96
N ARG C 242 0.12 34.25 -14.83
CA ARG C 242 -0.40 35.40 -15.57
C ARG C 242 -1.34 36.27 -14.75
N SER C 243 -1.55 35.94 -13.46
CA SER C 243 -2.23 36.82 -12.52
C SER C 243 -1.29 37.42 -11.50
N GLY C 244 0.01 37.15 -11.59
CA GLY C 244 0.93 37.60 -10.57
C GLY C 244 0.86 36.80 -9.29
N THR C 245 0.26 35.60 -9.33
CA THR C 245 0.16 34.71 -8.16
C THR C 245 1.23 33.63 -8.29
N PRO C 246 2.17 33.51 -7.35
CA PRO C 246 3.21 32.49 -7.49
C PRO C 246 2.68 31.09 -7.19
N VAL C 247 3.56 30.11 -7.40
CA VAL C 247 3.15 28.72 -7.42
C VAL C 247 4.11 27.87 -6.59
N LEU C 248 3.55 26.91 -5.86
CA LEU C 248 4.30 25.78 -5.33
C LEU C 248 3.82 24.51 -6.03
N ALA C 249 4.75 23.72 -6.55
CA ALA C 249 4.40 22.64 -7.46
C ALA C 249 5.29 21.43 -7.21
N SER C 250 4.73 20.23 -7.41
CA SER C 250 5.55 19.03 -7.37
C SER C 250 6.63 19.11 -8.44
N ARG C 251 7.82 18.63 -8.09
CA ARG C 251 8.98 18.67 -8.98
C ARG C 251 8.88 17.48 -9.94
N VAL C 252 8.04 17.64 -10.96
CA VAL C 252 7.88 16.68 -12.05
C VAL C 252 8.05 17.42 -13.36
N PRO C 253 8.43 16.72 -14.46
CA PRO C 253 8.85 17.44 -15.68
C PRO C 253 7.81 18.39 -16.24
N GLY C 254 6.51 18.03 -16.20
CA GLY C 254 5.48 18.91 -16.73
C GLY C 254 5.39 20.22 -15.94
N ASN C 255 5.72 20.20 -14.66
CA ASN C 255 5.71 21.43 -13.89
C ASN C 255 7.02 22.19 -14.04
N VAL C 256 8.14 21.47 -14.08
CA VAL C 256 9.44 22.13 -14.21
C VAL C 256 9.54 22.86 -15.55
N GLY C 257 8.97 22.28 -16.62
CA GLY C 257 9.01 22.94 -17.91
C GLY C 257 8.21 24.24 -17.90
N MET C 258 7.21 24.31 -17.03
CA MET C 258 6.36 25.49 -16.91
C MET C 258 7.09 26.59 -16.13
N LEU C 259 7.72 26.23 -14.99
CA LEU C 259 8.24 27.22 -14.05
C LEU C 259 9.75 27.40 -14.05
N GLY C 260 10.51 26.51 -14.69
CA GLY C 260 11.93 26.73 -14.86
C GLY C 260 12.79 25.84 -13.98
N ASN C 261 14.00 25.51 -14.46
CA ASN C 261 14.89 24.61 -13.72
C ASN C 261 15.36 25.22 -12.41
N ASP C 262 15.48 26.54 -12.35
CA ASP C 262 15.98 27.26 -11.18
C ASP C 262 14.88 27.74 -10.23
N TYR C 263 13.64 27.29 -10.43
CA TYR C 263 12.52 27.78 -9.63
C TYR C 263 12.66 27.35 -8.18
N ALA C 264 12.35 28.25 -7.26
CA ALA C 264 12.57 27.98 -5.83
C ALA C 264 11.33 27.43 -5.13
N GLY C 265 10.27 27.10 -5.87
CA GLY C 265 9.05 26.64 -5.24
C GLY C 265 8.64 25.20 -5.52
N TYR C 266 9.59 24.28 -5.68
CA TYR C 266 9.26 22.87 -5.90
C TYR C 266 9.32 22.08 -4.60
N PHE C 267 8.44 21.07 -4.51
CA PHE C 267 8.59 20.01 -3.51
C PHE C 267 8.64 18.68 -4.23
N PRO C 268 9.32 17.67 -3.67
CA PRO C 268 9.31 16.35 -4.30
C PRO C 268 7.90 15.82 -4.42
N HIS C 269 7.64 15.09 -5.51
CA HIS C 269 6.30 14.62 -5.77
C HIS C 269 5.78 13.78 -4.61
N GLY C 270 4.54 14.06 -4.18
CA GLY C 270 3.94 13.38 -3.05
C GLY C 270 4.51 13.72 -1.68
N ASP C 271 5.46 14.63 -1.58
CA ASP C 271 6.14 14.89 -0.31
C ASP C 271 5.37 15.97 0.46
N ALA C 272 4.36 15.53 1.23
CA ALA C 272 3.45 16.47 1.89
C ALA C 272 4.15 17.30 2.95
N ALA C 273 5.13 16.72 3.66
CA ALA C 273 5.90 17.48 4.64
C ALA C 273 6.70 18.59 3.98
N ALA C 274 7.29 18.32 2.82
CA ALA C 274 8.01 19.38 2.12
C ALA C 274 7.06 20.47 1.62
N LEU C 275 5.86 20.09 1.17
CA LEU C 275 4.88 21.10 0.78
C LEU C 275 4.42 21.91 2.00
N ALA C 276 4.14 21.24 3.12
CA ALA C 276 3.80 21.97 4.34
C ALA C 276 4.92 22.94 4.74
N ALA C 277 6.18 22.55 4.56
CA ALA C 277 7.30 23.42 4.97
C ALA C 277 7.43 24.63 4.06
N LEU C 278 7.17 24.46 2.76
CA LEU C 278 7.12 25.60 1.86
C LEU C 278 6.01 26.57 2.23
N LEU C 279 4.85 26.05 2.60
CA LEU C 279 3.75 26.93 3.01
C LEU C 279 4.12 27.69 4.29
N GLU C 280 4.80 27.01 5.21
CA GLU C 280 5.28 27.67 6.43
C GLU C 280 6.30 28.74 6.11
N ALA C 281 7.18 28.50 5.13
CA ALA C 281 8.15 29.50 4.74
C ALA C 281 7.49 30.70 4.06
N CYS C 282 6.50 30.44 3.19
CA CYS C 282 5.75 31.53 2.56
C CYS C 282 5.07 32.40 3.62
N ARG C 283 4.45 31.75 4.60
CA ARG C 283 3.80 32.48 5.69
C ARG C 283 4.81 33.25 6.51
N ALA C 284 5.92 32.61 6.89
CA ALA C 284 6.94 33.29 7.68
C ALA C 284 7.48 34.52 6.96
N GLY C 285 7.58 34.48 5.63
CA GLY C 285 8.16 35.59 4.90
C GLY C 285 7.26 36.80 4.83
N GLN C 286 5.96 36.61 5.05
CA GLN C 286 5.04 37.72 5.04
C GLN C 286 5.40 38.71 6.18
N ALA C 293 12.97 40.39 1.93
CA ALA C 293 12.11 39.68 0.99
C ALA C 293 11.87 38.23 1.44
N GLY C 294 10.59 37.84 1.51
CA GLY C 294 10.24 36.47 1.84
C GLY C 294 10.24 35.56 0.62
N LEU C 295 9.98 34.27 0.87
CA LEU C 295 9.90 33.31 -0.21
C LEU C 295 8.86 33.72 -1.24
N LEU C 296 7.70 34.23 -0.80
CA LEU C 296 6.68 34.67 -1.76
C LEU C 296 7.21 35.72 -2.72
N ASP C 297 8.00 36.67 -2.22
CA ASP C 297 8.54 37.71 -3.11
C ASP C 297 9.49 37.12 -4.15
N SER C 298 10.36 36.20 -3.71
CA SER C 298 11.26 35.51 -4.63
C SER C 298 10.49 34.76 -5.71
N LEU C 299 9.48 33.98 -5.30
CA LEU C 299 8.67 33.24 -6.25
C LEU C 299 7.95 34.19 -7.20
N ARG C 300 7.49 35.35 -6.70
CA ARG C 300 6.83 36.32 -7.56
C ARG C 300 7.77 36.82 -8.62
N THR C 301 9.01 37.15 -8.23
CA THR C 301 10.02 37.58 -9.20
C THR C 301 10.26 36.51 -10.25
N GLN C 302 10.45 35.25 -9.82
CA GLN C 302 10.71 34.17 -10.75
C GLN C 302 9.52 33.94 -11.69
N CYS C 303 8.29 33.92 -11.15
CA CYS C 303 7.13 33.72 -12.01
C CYS C 303 6.95 34.87 -12.99
N ALA C 304 7.28 36.11 -12.58
CA ALA C 304 7.17 37.24 -13.50
C ALA C 304 8.01 37.02 -14.75
N LEU C 305 9.12 36.32 -14.63
CA LEU C 305 9.94 36.03 -15.80
C LEU C 305 9.38 34.89 -16.63
N ARG C 306 8.51 34.06 -16.06
CA ARG C 306 7.88 33.00 -16.85
C ARG C 306 6.61 33.47 -17.54
N ALA C 307 5.97 34.52 -17.05
CA ALA C 307 4.68 34.95 -17.59
C ALA C 307 4.65 35.13 -19.12
N PRO C 308 5.65 35.74 -19.78
CA PRO C 308 5.57 35.88 -21.24
C PRO C 308 5.50 34.55 -21.98
N LEU C 309 5.93 33.44 -21.38
CA LEU C 309 5.73 32.14 -22.00
C LEU C 309 4.29 31.89 -22.37
N PHE C 310 3.34 32.48 -21.64
CA PHE C 310 1.93 32.13 -21.77
C PHE C 310 1.12 33.26 -22.40
N ASP C 311 1.76 34.03 -23.26
CA ASP C 311 1.10 35.07 -24.04
C ASP C 311 0.40 34.44 -25.26
N PRO C 312 -0.87 34.75 -25.49
CA PRO C 312 -1.55 34.14 -26.66
C PRO C 312 -0.93 34.48 -28.00
N ARG C 313 -0.25 35.63 -28.13
CA ARG C 313 0.40 35.95 -29.39
C ARG C 313 1.57 35.00 -29.66
N ALA C 314 2.25 34.54 -28.61
CA ALA C 314 3.33 33.60 -28.79
C ALA C 314 2.79 32.21 -29.15
N GLU C 315 1.73 31.76 -28.47
CA GLU C 315 1.17 30.45 -28.82
C GLU C 315 0.66 30.45 -30.25
N GLN C 316 -0.05 31.51 -30.66
CA GLN C 316 -0.55 31.62 -32.01
C GLN C 316 0.57 31.54 -33.04
N ALA C 317 1.67 32.30 -32.81
CA ALA C 317 2.82 32.21 -33.71
C ALA C 317 3.34 30.78 -33.82
N ALA C 318 3.44 30.07 -32.70
CA ALA C 318 3.97 28.72 -32.76
C ALA C 318 3.02 27.80 -33.51
N LEU C 319 1.72 28.02 -33.32
CA LEU C 319 0.73 27.21 -34.02
C LEU C 319 0.73 27.51 -35.52
N PHE C 320 0.93 28.79 -35.91
CA PHE C 320 1.07 29.10 -37.33
C PHE C 320 2.21 28.30 -37.95
N GLN C 321 3.34 28.23 -37.25
CA GLN C 321 4.49 27.48 -37.77
C GLN C 321 4.17 25.99 -37.87
N LEU C 322 3.58 25.43 -36.81
CA LEU C 322 3.21 24.02 -36.82
C LEU C 322 2.30 23.71 -38.00
N LEU C 323 1.28 24.54 -38.21
CA LEU C 323 0.34 24.33 -39.30
C LEU C 323 1.02 24.38 -40.66
N ASN C 324 1.99 25.29 -40.81
CA ASN C 324 2.78 25.36 -42.04
C ASN C 324 3.60 24.11 -42.27
N GLU C 325 4.06 23.46 -41.19
CA GLU C 325 4.83 22.23 -41.37
C GLU C 325 3.95 21.02 -41.70
N LEU C 326 2.70 21.03 -41.25
CA LEU C 326 1.77 19.93 -41.51
C LEU C 326 1.04 20.08 -42.85
N GLN C 327 0.90 21.30 -43.34
CA GLN C 327 0.37 21.60 -44.67
C GLN C 327 1.37 22.49 -45.39
N PRO C 328 2.51 21.94 -45.87
CA PRO C 328 3.60 22.73 -46.45
C PRO C 328 3.17 23.67 -47.56
N1 UPG D . -13.97 -2.08 17.56
C2 UPG D . -14.15 -1.59 16.28
N3 UPG D . -15.42 -1.12 16.00
C4 UPG D . -16.49 -1.08 16.86
C5 UPG D . -16.23 -1.61 18.18
C6 UPG D . -15.01 -2.10 18.47
O2 UPG D . -13.27 -1.58 15.43
O4 UPG D . -17.56 -0.62 16.47
C1C UPG D . -12.66 -2.68 17.91
C2C UPG D . -11.67 -1.75 18.60
O2C UPG D . -11.08 -0.84 17.68
C3C UPG D . -10.68 -2.76 19.21
C4C UPG D . -11.51 -4.05 19.35
O4C UPG D . -12.84 -3.71 18.86
O3C UPG D . -9.63 -3.16 18.33
C5C UPG D . -11.50 -4.74 20.69
O5C UPG D . -12.06 -3.87 21.70
PA UPG D . -11.53 -3.81 23.23
O1A UPG D . -10.34 -4.68 23.46
O2A UPG D . -11.39 -2.35 23.59
O3A UPG D . -12.77 -4.44 24.01
PB UPG D . -13.45 -5.90 24.08
O1B UPG D . -13.85 -6.35 22.70
O2B UPG D . -14.52 -5.88 25.13
O3B UPG D . -12.22 -6.81 24.55
C1' UPG D . -12.16 -7.66 25.67
C2' UPG D . -11.75 -6.84 26.89
C3' UPG D . -10.39 -6.22 26.69
C4' UPG D . -9.37 -7.29 26.31
C5' UPG D . -9.85 -8.20 25.19
C6' UPG D . -8.95 -9.41 25.02
O2' UPG D . -12.74 -5.84 27.20
O3' UPG D . -9.97 -5.55 27.89
O4' UPG D . -8.13 -6.68 25.90
O5' UPG D . -11.20 -8.68 25.46
O6' UPG D . -9.29 -10.21 23.89
P PO4 E . -14.32 -10.24 28.28
O1 PO4 E . -13.84 -10.88 26.98
O2 PO4 E . -15.77 -10.63 28.55
O3 PO4 E . -13.44 -10.72 29.41
O4 PO4 E . -14.21 -8.72 28.17
N1 UPG F . 2.66 -14.03 -13.16
C2 UPG F . 1.86 -13.17 -13.90
N3 UPG F . 0.60 -13.00 -13.40
C4 UPG F . 0.07 -13.58 -12.27
C5 UPG F . 0.95 -14.46 -11.57
C6 UPG F . 2.18 -14.67 -12.04
O2 UPG F . 2.24 -12.60 -14.91
O4 UPG F . -1.10 -13.32 -11.96
C1C UPG F . 4.01 -14.31 -13.69
C2C UPG F . 5.15 -13.60 -12.94
O2C UPG F . 5.34 -12.30 -13.44
C3C UPG F . 6.32 -14.54 -13.28
C4C UPG F . 5.65 -15.93 -13.23
O4C UPG F . 4.25 -15.69 -13.51
O3C UPG F . 6.84 -14.30 -14.59
C5C UPG F . 5.76 -16.64 -11.90
O5C UPG F . 7.08 -17.21 -11.83
PA UPG F . 7.86 -17.34 -10.44
O1A UPG F . 9.21 -17.92 -10.71
O2A UPG F . 7.79 -16.03 -9.71
O3A UPG F . 6.95 -18.41 -9.66
PB UPG F . 6.44 -19.89 -9.99
O1B UPG F . 5.50 -19.80 -11.15
O2B UPG F . 5.97 -20.52 -8.72
O3B UPG F . 7.79 -20.60 -10.53
C1' UPG F . 8.40 -21.77 -10.03
C2' UPG F . 9.28 -21.40 -8.84
C3' UPG F . 10.40 -20.46 -9.28
C4' UPG F . 11.17 -21.03 -10.45
C5' UPG F . 10.25 -21.51 -11.57
C6' UPG F . 11.01 -22.32 -12.59
O2' UPG F . 8.49 -20.86 -7.77
O3' UPG F . 11.29 -20.19 -8.19
O4' UPG F . 12.06 -20.04 -10.99
O5' UPG F . 9.20 -22.37 -11.04
O6' UPG F . 10.31 -22.46 -13.83
P PO4 G . 7.76 -25.63 -8.47
O1 PO4 G . 7.60 -25.59 -9.99
O2 PO4 G . 7.67 -24.20 -7.92
O3 PO4 G . 6.65 -26.48 -7.87
O4 PO4 G . 9.12 -26.22 -8.11
N1 UPG H . -11.11 24.79 -13.79
C2 UPG H . -12.12 25.68 -13.43
N3 UPG H . -12.87 25.28 -12.34
C4 UPG H . -12.74 24.11 -11.62
C5 UPG H . -11.69 23.24 -12.07
C6 UPG H . -10.94 23.60 -13.12
O2 UPG H . -12.31 26.74 -14.02
O4 UPG H . -13.51 23.90 -10.67
C1C UPG H . -10.29 25.15 -14.97
C2C UPG H . -8.91 25.74 -14.63
O2C UPG H . -9.02 27.13 -14.36
C3C UPG H . -8.16 25.43 -15.93
C4C UPG H . -8.72 24.05 -16.32
O4C UPG H . -10.03 23.97 -15.70
O3C UPG H . -8.47 26.37 -16.95
C5C UPG H . -7.90 22.87 -15.89
O5C UPG H . -6.77 22.73 -16.79
PA UPG H . -5.39 22.08 -16.30
O1A UPG H . -4.44 22.03 -17.46
O2A UPG H . -4.95 22.76 -15.03
O3A UPG H . -5.82 20.56 -15.98
PB UPG H . -6.37 19.35 -16.87
O1B UPG H . -7.84 19.56 -17.08
O2B UPG H . -5.91 18.05 -16.28
O3B UPG H . -5.59 19.56 -18.27
C1' UPG H . -4.98 18.53 -19.02
C2' UPG H . -3.56 18.34 -18.52
C3' UPG H . -2.78 19.63 -18.74
C4' UPG H . -2.81 20.01 -20.21
C5' UPG H . -4.22 20.05 -20.75
C6' UPG H . -4.22 20.19 -22.25
O2' UPG H . -3.54 17.91 -17.16
O3' UPG H . -1.42 19.51 -18.30
O4' UPG H . -2.27 21.31 -20.39
O5' UPG H . -4.95 18.83 -20.41
O6' UPG H . -5.52 20.10 -22.79
P PO4 I . -4.52 14.31 -19.71
O1 PO4 I . -3.16 14.06 -20.36
O2 PO4 I . -5.08 12.99 -19.15
O3 PO4 I . -5.49 14.87 -20.75
O4 PO4 I . -4.35 15.32 -18.57
#